data_2IO1
#
_entry.id   2IO1
#
_cell.length_a   141.980
_cell.length_b   143.360
_cell.length_c   134.120
_cell.angle_alpha   90.000
_cell.angle_beta   90.000
_cell.angle_gamma   90.000
#
_symmetry.space_group_name_H-M   'C 2 2 21'
#
loop_
_entity.id
_entity.type
_entity.pdbx_description
1 polymer 'Sentrin-specific protease 2'
2 polymer 'Small ubiquitin-related modifier 3 precursor'
3 water water
#
loop_
_entity_poly.entity_id
_entity_poly.type
_entity_poly.pdbx_seq_one_letter_code
_entity_poly.pdbx_strand_id
1 'polypeptide(L)'
;GSHMASDLLELTEDMEKEISNALGHGPQDEILSSAFKLRITRGDIQTLKNYHWLNDEVINFYMNLLVERNKKQGYPALHV
FSTFFYPKLKSGGYQAVKRWTKGVNLFEQEIILVPIHRKVHWSLVVIDLRKKCLKYLDSMGQKGHRICEILLQYLQDESK
TKRNSDLNLLEWTHHSMKPHEIPQQLNGSDSGMFTCKYADYISRDKPITFTQHQMPLFRKKMVWEILHQQLL
;
A,C,E
2 'polypeptide(L)'
;GSHMNDHINLKVAGQDGSVVQFKIKRHTPLSKLMKAYCERQGLSMRQIRFRFDGQPINETDTPAQLEMEDEDTIDVFQQQ
TGGVPESSLAGHSF
;
B,D,F
#
# COMPACT_ATOMS: atom_id res chain seq x y z
N GLU A 10 -25.78 -3.75 -0.11
CA GLU A 10 -24.99 -5.02 -0.06
C GLU A 10 -23.53 -4.76 0.31
N LEU A 11 -23.08 -3.52 0.18
CA LEU A 11 -21.71 -3.15 0.54
C LEU A 11 -21.71 -2.33 1.82
N THR A 12 -21.45 -2.99 2.93
CA THR A 12 -21.41 -2.36 4.25
C THR A 12 -20.62 -1.05 4.24
N GLU A 13 -20.89 -0.19 5.23
CA GLU A 13 -20.19 1.07 5.33
C GLU A 13 -18.74 0.86 5.76
N ASP A 14 -18.46 -0.32 6.31
CA ASP A 14 -17.11 -0.62 6.73
C ASP A 14 -16.37 -1.28 5.58
N MET A 15 -17.11 -1.92 4.69
CA MET A 15 -16.49 -2.54 3.53
C MET A 15 -16.05 -1.40 2.63
N GLU A 16 -16.90 -0.40 2.50
CA GLU A 16 -16.61 0.76 1.68
C GLU A 16 -15.45 1.53 2.28
N LYS A 17 -15.45 1.69 3.60
CA LYS A 17 -14.38 2.40 4.27
C LYS A 17 -13.03 1.67 4.05
N GLU A 18 -13.08 0.34 3.98
CA GLU A 18 -11.88 -0.47 3.75
C GLU A 18 -11.39 -0.37 2.28
N ILE A 19 -12.34 -0.40 1.35
CA ILE A 19 -12.04 -0.27 -0.06
C ILE A 19 -11.46 1.13 -0.30
N SER A 20 -12.12 2.14 0.23
CA SER A 20 -11.65 3.50 0.09
C SER A 20 -10.23 3.62 0.61
N ASN A 21 -9.93 2.95 1.71
CA ASN A 21 -8.58 3.02 2.26
C ASN A 21 -7.55 2.39 1.33
N ALA A 22 -7.87 1.25 0.73
CA ALA A 22 -6.93 0.59 -0.18
C ALA A 22 -6.68 1.40 -1.46
N LEU A 23 -7.71 2.06 -1.98
CA LEU A 23 -7.57 2.85 -3.21
C LEU A 23 -7.01 4.24 -2.96
N GLY A 24 -7.00 4.68 -1.70
CA GLY A 24 -6.53 6.01 -1.35
C GLY A 24 -5.04 6.25 -1.38
N HIS A 25 -4.61 7.35 -0.78
CA HIS A 25 -3.20 7.71 -0.75
C HIS A 25 -2.35 6.74 0.07
N GLY A 26 -1.07 6.64 -0.31
CA GLY A 26 -0.14 5.76 0.38
C GLY A 26 0.93 5.25 -0.57
N PRO A 27 2.00 4.63 -0.04
CA PRO A 27 3.05 4.14 -0.93
C PRO A 27 2.58 3.02 -1.87
N GLN A 28 3.12 3.08 -3.08
CA GLN A 28 2.86 2.13 -4.17
C GLN A 28 3.08 0.70 -3.70
N ASP A 29 4.29 0.49 -3.18
CA ASP A 29 4.79 -0.79 -2.72
C ASP A 29 4.16 -1.50 -1.51
N GLU A 30 3.36 -0.80 -0.71
CA GLU A 30 2.72 -1.43 0.42
C GLU A 30 1.99 -2.71 -0.02
N ILE A 31 2.28 -3.84 0.61
CA ILE A 31 1.62 -5.07 0.24
C ILE A 31 0.28 -5.14 0.96
N LEU A 32 -0.81 -5.39 0.26
CA LEU A 32 -2.12 -5.42 0.90
C LEU A 32 -2.83 -6.77 0.89
N SER A 33 -2.29 -7.72 0.13
CA SER A 33 -2.87 -9.05 0.04
C SER A 33 -1.87 -9.98 -0.61
N SER A 34 -1.69 -11.16 0.01
CA SER A 34 -0.76 -12.17 -0.47
C SER A 34 -1.37 -13.54 -0.53
N ALA A 35 -1.23 -14.19 -1.69
CA ALA A 35 -1.75 -15.52 -1.87
C ALA A 35 -1.29 -15.95 -3.25
N PHE A 36 -1.27 -17.26 -3.47
CA PHE A 36 -0.86 -17.84 -4.75
C PHE A 36 0.50 -17.40 -5.22
N LYS A 37 1.38 -17.04 -4.29
CA LYS A 37 2.74 -16.58 -4.59
C LYS A 37 2.77 -15.19 -5.22
N LEU A 38 1.59 -14.57 -5.30
CA LEU A 38 1.43 -13.22 -5.83
C LEU A 38 1.38 -12.26 -4.64
N ARG A 39 1.81 -11.03 -4.85
CA ARG A 39 1.76 -10.01 -3.80
C ARG A 39 1.10 -8.82 -4.46
N ILE A 40 -0.11 -8.52 -4.02
CA ILE A 40 -0.86 -7.40 -4.55
C ILE A 40 -0.56 -6.16 -3.74
N THR A 41 0.19 -5.22 -4.32
CA THR A 41 0.53 -3.97 -3.64
C THR A 41 -0.56 -2.94 -3.85
N ARG A 42 -0.46 -1.84 -3.14
CA ARG A 42 -1.42 -0.75 -3.25
C ARG A 42 -1.43 -0.24 -4.72
N GLY A 43 -0.26 -0.24 -5.36
CA GLY A 43 -0.20 0.18 -6.74
C GLY A 43 -1.01 -0.75 -7.65
N ASP A 44 -1.02 -2.06 -7.38
CA ASP A 44 -1.78 -3.00 -8.21
C ASP A 44 -3.27 -2.73 -8.00
N ILE A 45 -3.64 -2.63 -6.72
CA ILE A 45 -5.03 -2.41 -6.32
C ILE A 45 -5.62 -1.15 -6.91
N GLN A 46 -4.78 -0.16 -7.17
CA GLN A 46 -5.27 1.08 -7.72
C GLN A 46 -5.66 1.02 -9.19
N THR A 47 -5.22 -0.03 -9.89
CA THR A 47 -5.59 -0.17 -11.28
C THR A 47 -7.11 -0.49 -11.26
N LEU A 48 -7.64 -0.83 -10.08
CA LEU A 48 -9.06 -1.08 -9.94
C LEU A 48 -9.88 0.21 -9.69
N LYS A 49 -9.23 1.36 -9.78
CA LYS A 49 -9.94 2.63 -9.61
C LYS A 49 -10.70 2.87 -10.91
N ASN A 50 -11.75 3.68 -10.86
CA ASN A 50 -12.55 4.00 -12.04
C ASN A 50 -11.71 4.56 -13.17
N TYR A 51 -11.96 4.06 -14.38
CA TYR A 51 -11.25 4.51 -15.57
C TYR A 51 -9.81 4.03 -15.66
N HIS A 52 -9.36 3.24 -14.70
CA HIS A 52 -8.00 2.75 -14.76
C HIS A 52 -7.91 1.38 -15.43
N TRP A 53 -6.77 1.13 -16.06
CA TRP A 53 -6.53 -0.12 -16.77
C TRP A 53 -5.96 -1.23 -15.85
N LEU A 54 -6.66 -2.35 -15.72
CA LEU A 54 -6.15 -3.39 -14.84
C LEU A 54 -4.84 -4.00 -15.33
N ASN A 55 -3.97 -4.38 -14.39
CA ASN A 55 -2.72 -5.00 -14.75
C ASN A 55 -2.80 -6.52 -14.53
N ASP A 56 -1.77 -7.24 -14.97
CA ASP A 56 -1.71 -8.68 -14.86
C ASP A 56 -1.84 -9.22 -13.44
N GLU A 57 -1.25 -8.52 -12.48
CA GLU A 57 -1.30 -8.97 -11.10
C GLU A 57 -2.74 -9.08 -10.59
N VAL A 58 -3.56 -8.05 -10.83
CA VAL A 58 -4.94 -8.09 -10.36
C VAL A 58 -5.76 -9.21 -11.03
N ILE A 59 -5.51 -9.43 -12.31
CA ILE A 59 -6.22 -10.44 -13.07
C ILE A 59 -5.81 -11.85 -12.69
N ASN A 60 -4.51 -12.12 -12.68
CA ASN A 60 -4.07 -13.44 -12.29
C ASN A 60 -4.58 -13.77 -10.88
N PHE A 61 -4.56 -12.77 -9.99
CA PHE A 61 -5.00 -12.98 -8.62
C PHE A 61 -6.47 -13.36 -8.56
N TYR A 62 -7.30 -12.60 -9.25
CA TYR A 62 -8.74 -12.84 -9.26
C TYR A 62 -9.04 -14.19 -9.89
N MET A 63 -8.33 -14.49 -10.97
CA MET A 63 -8.50 -15.76 -11.64
C MET A 63 -8.23 -16.90 -10.64
N ASN A 64 -7.20 -16.73 -9.81
CA ASN A 64 -6.86 -17.74 -8.82
C ASN A 64 -7.93 -17.86 -7.75
N LEU A 65 -8.65 -16.76 -7.53
CA LEU A 65 -9.74 -16.77 -6.56
C LEU A 65 -10.91 -17.57 -7.11
N LEU A 66 -11.16 -17.48 -8.41
CA LEU A 66 -12.25 -18.20 -9.04
C LEU A 66 -12.03 -19.69 -8.90
N VAL A 67 -10.79 -20.11 -9.05
CA VAL A 67 -10.50 -21.52 -8.92
C VAL A 67 -10.82 -21.98 -7.51
N GLU A 68 -10.38 -21.21 -6.53
CA GLU A 68 -10.62 -21.57 -5.15
C GLU A 68 -12.10 -21.55 -4.81
N ARG A 69 -12.79 -20.49 -5.22
CA ARG A 69 -14.23 -20.33 -5.01
C ARG A 69 -14.98 -21.55 -5.53
N ASN A 70 -14.67 -21.98 -6.76
CA ASN A 70 -15.30 -23.15 -7.40
C ASN A 70 -15.11 -24.43 -6.61
N LYS A 71 -13.91 -24.61 -6.02
CA LYS A 71 -13.63 -25.81 -5.25
C LYS A 71 -14.47 -25.83 -4.00
N LYS A 72 -14.60 -24.66 -3.38
CA LYS A 72 -15.34 -24.48 -2.15
C LYS A 72 -16.86 -24.58 -2.33
N GLN A 73 -17.40 -23.99 -3.39
CA GLN A 73 -18.83 -24.01 -3.59
C GLN A 73 -19.36 -25.11 -4.51
N GLY A 74 -18.48 -26.06 -4.86
CA GLY A 74 -18.89 -27.17 -5.69
C GLY A 74 -19.13 -26.97 -7.16
N TYR A 75 -18.59 -25.88 -7.73
CA TYR A 75 -18.73 -25.61 -9.16
C TYR A 75 -17.69 -26.45 -9.90
N PRO A 76 -17.82 -26.55 -11.23
CA PRO A 76 -16.89 -27.34 -12.06
C PRO A 76 -15.40 -27.12 -11.80
N ALA A 77 -14.62 -28.20 -11.92
CA ALA A 77 -13.16 -28.15 -11.71
C ALA A 77 -12.58 -27.19 -12.75
N LEU A 78 -12.03 -26.10 -12.25
CA LEU A 78 -11.48 -25.04 -13.06
C LEU A 78 -9.96 -24.96 -13.05
N HIS A 79 -9.37 -24.64 -14.18
CA HIS A 79 -7.93 -24.47 -14.25
C HIS A 79 -7.66 -23.19 -15.00
N VAL A 80 -6.87 -22.31 -14.41
CA VAL A 80 -6.59 -21.06 -15.07
C VAL A 80 -5.14 -20.86 -15.41
N PHE A 81 -4.89 -20.54 -16.67
CA PHE A 81 -3.53 -20.28 -17.10
C PHE A 81 -3.16 -18.86 -16.74
N SER A 82 -1.87 -18.63 -16.68
CA SER A 82 -1.32 -17.32 -16.37
C SER A 82 -1.56 -16.37 -17.56
N THR A 83 -1.55 -15.05 -17.30
CA THR A 83 -1.75 -14.06 -18.35
C THR A 83 -0.50 -14.10 -19.24
N PHE A 84 0.57 -14.75 -18.77
CA PHE A 84 1.79 -14.85 -19.54
C PHE A 84 1.88 -16.10 -20.42
N PHE A 85 1.00 -17.06 -20.20
CA PHE A 85 0.99 -18.30 -20.97
C PHE A 85 0.82 -18.07 -22.47
N TYR A 86 -0.31 -17.50 -22.85
CA TYR A 86 -0.57 -17.27 -24.25
C TYR A 86 0.56 -16.58 -24.99
N PRO A 87 0.98 -15.39 -24.54
CA PRO A 87 2.08 -14.75 -25.28
C PRO A 87 3.29 -15.66 -25.44
N LYS A 88 3.59 -16.43 -24.40
CA LYS A 88 4.74 -17.34 -24.44
C LYS A 88 4.47 -18.45 -25.45
N LEU A 89 3.22 -18.89 -25.55
CA LEU A 89 2.86 -19.96 -26.49
C LEU A 89 3.00 -19.44 -27.92
N LYS A 90 2.31 -18.35 -28.21
CA LYS A 90 2.33 -17.73 -29.54
C LYS A 90 3.76 -17.39 -30.01
N SER A 91 4.73 -17.40 -29.10
CA SER A 91 6.08 -17.05 -29.49
C SER A 91 7.12 -18.17 -29.46
N GLY A 92 6.88 -19.20 -28.67
CA GLY A 92 7.84 -20.30 -28.59
C GLY A 92 7.22 -21.66 -28.78
N GLY A 93 5.91 -21.70 -29.06
CA GLY A 93 5.25 -22.98 -29.25
C GLY A 93 5.27 -23.87 -28.03
N TYR A 94 4.68 -25.04 -28.17
CA TYR A 94 4.56 -26.03 -27.11
C TYR A 94 5.81 -26.20 -26.25
N GLN A 95 6.98 -26.19 -26.87
CA GLN A 95 8.23 -26.36 -26.11
C GLN A 95 8.47 -25.27 -25.07
N ALA A 96 8.08 -24.04 -25.40
CA ALA A 96 8.28 -22.93 -24.48
C ALA A 96 7.36 -22.99 -23.27
N VAL A 97 6.20 -23.61 -23.43
CA VAL A 97 5.23 -23.71 -22.35
C VAL A 97 4.92 -25.12 -21.91
N LYS A 98 5.70 -26.09 -22.39
CA LYS A 98 5.48 -27.48 -22.06
C LYS A 98 5.43 -27.75 -20.56
N ARG A 99 6.47 -27.33 -19.86
CA ARG A 99 6.57 -27.55 -18.43
C ARG A 99 5.63 -26.73 -17.58
N TRP A 100 4.95 -25.75 -18.16
CA TRP A 100 4.03 -24.92 -17.38
C TRP A 100 2.85 -25.69 -16.81
N THR A 101 2.81 -27.00 -17.03
CA THR A 101 1.73 -27.83 -16.51
C THR A 101 2.27 -28.98 -15.66
N LYS A 102 3.43 -28.78 -15.07
CA LYS A 102 4.04 -29.78 -14.19
C LYS A 102 2.96 -30.32 -13.27
N GLY A 103 3.01 -31.63 -13.03
CA GLY A 103 2.07 -32.29 -12.12
C GLY A 103 0.62 -31.84 -11.99
N VAL A 104 -0.06 -31.78 -13.12
CA VAL A 104 -1.48 -31.40 -13.16
C VAL A 104 -1.95 -31.91 -14.49
N ASN A 105 -3.01 -32.71 -14.51
CA ASN A 105 -3.49 -33.18 -15.79
C ASN A 105 -4.64 -32.33 -16.21
N LEU A 106 -4.39 -31.52 -17.22
CA LEU A 106 -5.41 -30.65 -17.74
C LEU A 106 -6.73 -31.35 -17.91
N PHE A 107 -6.71 -32.48 -18.61
CA PHE A 107 -7.92 -33.22 -18.92
C PHE A 107 -8.72 -33.76 -17.75
N GLU A 108 -8.19 -33.65 -16.54
CA GLU A 108 -8.97 -34.08 -15.40
C GLU A 108 -9.80 -32.87 -14.95
N GLN A 109 -9.64 -31.74 -15.65
CA GLN A 109 -10.38 -30.52 -15.34
C GLN A 109 -11.63 -30.46 -16.22
N GLU A 110 -12.51 -29.50 -15.96
CA GLU A 110 -13.73 -29.37 -16.76
C GLU A 110 -13.77 -28.07 -17.58
N ILE A 111 -13.43 -26.97 -16.93
CA ILE A 111 -13.40 -25.68 -17.60
C ILE A 111 -11.99 -25.14 -17.49
N ILE A 112 -11.43 -24.72 -18.62
CA ILE A 112 -10.11 -24.14 -18.65
C ILE A 112 -10.22 -22.70 -19.11
N LEU A 113 -9.62 -21.78 -18.36
CA LEU A 113 -9.66 -20.37 -18.73
C LEU A 113 -8.30 -19.88 -19.17
N VAL A 114 -8.26 -19.18 -20.30
CA VAL A 114 -7.02 -18.64 -20.80
C VAL A 114 -7.17 -17.14 -20.94
N PRO A 115 -6.52 -16.36 -20.06
CA PRO A 115 -6.64 -14.90 -20.16
C PRO A 115 -5.78 -14.46 -21.34
N ILE A 116 -6.28 -13.55 -22.15
CA ILE A 116 -5.47 -13.14 -23.28
C ILE A 116 -5.12 -11.65 -23.31
N HIS A 117 -3.84 -11.33 -23.30
CA HIS A 117 -3.42 -9.95 -23.33
C HIS A 117 -3.00 -9.53 -24.72
N ARG A 118 -3.70 -8.56 -25.20
CA ARG A 118 -3.42 -7.96 -26.47
C ARG A 118 -2.69 -6.69 -26.05
N LYS A 119 -1.77 -6.28 -26.92
CA LYS A 119 -0.98 -5.12 -26.58
C LYS A 119 -1.53 -4.14 -25.50
N VAL A 120 -2.79 -3.72 -25.54
CA VAL A 120 -3.38 -2.74 -24.60
C VAL A 120 -4.82 -3.14 -24.36
N HIS A 121 -5.13 -4.42 -24.53
CA HIS A 121 -6.51 -4.83 -24.36
C HIS A 121 -6.61 -6.24 -23.76
N TRP A 122 -7.61 -6.46 -22.90
CA TRP A 122 -7.79 -7.76 -22.26
C TRP A 122 -8.87 -8.58 -22.92
N SER A 123 -8.61 -9.88 -23.02
CA SER A 123 -9.56 -10.78 -23.66
C SER A 123 -9.59 -12.16 -22.97
N LEU A 124 -10.62 -12.96 -23.25
CA LEU A 124 -10.75 -14.30 -22.64
C LEU A 124 -11.12 -15.46 -23.57
N VAL A 125 -10.48 -16.59 -23.36
CA VAL A 125 -10.80 -17.77 -24.13
C VAL A 125 -11.26 -18.84 -23.16
N VAL A 126 -12.36 -19.50 -23.49
CA VAL A 126 -12.91 -20.55 -22.65
C VAL A 126 -12.83 -21.92 -23.31
N ILE A 127 -12.22 -22.88 -22.63
CA ILE A 127 -12.13 -24.23 -23.14
C ILE A 127 -13.00 -25.11 -22.23
N ASP A 128 -14.10 -25.62 -22.77
CA ASP A 128 -14.97 -26.49 -21.99
C ASP A 128 -14.67 -27.93 -22.38
N LEU A 129 -13.94 -28.64 -21.53
CA LEU A 129 -13.61 -30.00 -21.81
C LEU A 129 -14.87 -30.87 -21.83
N ARG A 130 -15.85 -30.54 -21.00
CA ARG A 130 -17.09 -31.30 -20.93
C ARG A 130 -17.92 -31.27 -22.22
N LYS A 131 -17.59 -30.35 -23.13
CA LYS A 131 -18.29 -30.22 -24.41
C LYS A 131 -17.29 -30.14 -25.53
N LYS A 132 -16.01 -30.27 -25.18
CA LYS A 132 -14.94 -30.21 -26.14
C LYS A 132 -15.03 -29.01 -27.08
N CYS A 133 -15.43 -27.85 -26.57
CA CYS A 133 -15.54 -26.67 -27.42
C CYS A 133 -14.84 -25.41 -26.89
N LEU A 134 -14.21 -24.67 -27.79
CA LEU A 134 -13.54 -23.43 -27.44
C LEU A 134 -14.47 -22.26 -27.68
N LYS A 135 -14.22 -21.16 -27.02
CA LYS A 135 -15.05 -19.98 -27.19
C LYS A 135 -14.17 -18.76 -26.88
N TYR A 136 -14.19 -17.77 -27.75
CA TYR A 136 -13.41 -16.58 -27.54
C TYR A 136 -14.35 -15.45 -27.11
N LEU A 137 -14.05 -14.82 -25.99
CA LEU A 137 -14.87 -13.72 -25.48
C LEU A 137 -14.11 -12.40 -25.43
N ASP A 138 -14.72 -11.36 -26.03
CA ASP A 138 -14.13 -10.04 -26.12
C ASP A 138 -15.18 -8.94 -25.92
N SER A 139 -14.87 -7.96 -25.08
CA SER A 139 -15.81 -6.88 -24.79
C SER A 139 -15.89 -5.79 -25.86
N MET A 140 -15.01 -5.88 -26.86
CA MET A 140 -15.00 -4.87 -27.89
C MET A 140 -15.19 -5.51 -29.25
N GLY A 141 -15.82 -6.69 -29.25
CA GLY A 141 -16.08 -7.39 -30.49
C GLY A 141 -14.93 -7.82 -31.38
N GLN A 142 -13.70 -7.79 -30.90
CA GLN A 142 -12.58 -8.23 -31.73
C GLN A 142 -12.76 -9.71 -32.09
N LYS A 143 -12.00 -10.17 -33.08
CA LYS A 143 -12.07 -11.56 -33.56
C LYS A 143 -10.97 -12.44 -32.97
N GLY A 144 -11.25 -13.73 -32.84
CA GLY A 144 -10.25 -14.61 -32.26
C GLY A 144 -10.24 -16.05 -32.74
N HIS A 145 -10.74 -16.29 -33.94
CA HIS A 145 -10.78 -17.64 -34.52
C HIS A 145 -9.40 -18.30 -34.48
N ARG A 146 -8.40 -17.52 -34.85
CA ARG A 146 -7.02 -17.96 -34.91
C ARG A 146 -6.41 -18.19 -33.52
N ILE A 147 -6.93 -17.50 -32.52
CA ILE A 147 -6.38 -17.68 -31.19
C ILE A 147 -6.79 -19.06 -30.68
N CYS A 148 -8.05 -19.43 -30.88
CA CYS A 148 -8.55 -20.73 -30.48
C CYS A 148 -7.81 -21.85 -31.21
N GLU A 149 -7.53 -21.65 -32.50
CA GLU A 149 -6.83 -22.68 -33.26
C GLU A 149 -5.50 -23.03 -32.63
N ILE A 150 -4.80 -21.99 -32.19
CA ILE A 150 -3.50 -22.15 -31.55
C ILE A 150 -3.68 -22.87 -30.22
N LEU A 151 -4.72 -22.51 -29.49
CA LEU A 151 -4.98 -23.15 -28.21
C LEU A 151 -5.35 -24.61 -28.39
N LEU A 152 -6.22 -24.89 -29.35
CA LEU A 152 -6.62 -26.26 -29.63
C LEU A 152 -5.42 -27.09 -30.01
N GLN A 153 -4.57 -26.55 -30.89
CA GLN A 153 -3.37 -27.28 -31.28
C GLN A 153 -2.54 -27.56 -30.01
N TYR A 154 -2.54 -26.60 -29.08
CA TYR A 154 -1.83 -26.74 -27.81
C TYR A 154 -2.35 -27.95 -27.02
N LEU A 155 -3.67 -28.08 -26.93
CA LEU A 155 -4.28 -29.21 -26.22
C LEU A 155 -3.79 -30.51 -26.85
N GLN A 156 -3.86 -30.56 -28.18
CA GLN A 156 -3.42 -31.74 -28.90
C GLN A 156 -2.02 -32.13 -28.48
N ASP A 157 -1.11 -31.17 -28.50
CA ASP A 157 0.27 -31.45 -28.12
C ASP A 157 0.41 -31.81 -26.63
N GLU A 158 -0.46 -31.28 -25.79
CA GLU A 158 -0.41 -31.59 -24.37
C GLU A 158 -0.80 -33.03 -24.19
N SER A 159 -1.87 -33.41 -24.87
CA SER A 159 -2.40 -34.76 -24.82
C SER A 159 -1.40 -35.81 -25.28
N LYS A 160 -0.81 -35.62 -26.45
CA LYS A 160 0.14 -36.60 -26.96
C LYS A 160 1.45 -36.64 -26.17
N THR A 161 1.86 -35.50 -25.64
CA THR A 161 3.11 -35.40 -24.90
C THR A 161 3.01 -35.80 -23.44
N LYS A 162 1.84 -35.63 -22.84
CA LYS A 162 1.68 -35.95 -21.42
C LYS A 162 0.90 -37.22 -21.10
N ARG A 163 0.07 -37.69 -22.03
CA ARG A 163 -0.70 -38.91 -21.80
C ARG A 163 -0.78 -39.76 -23.07
N ASN A 164 0.27 -39.65 -23.89
CA ASN A 164 0.42 -40.39 -25.14
C ASN A 164 -0.90 -40.81 -25.79
N SER A 165 -1.59 -39.86 -26.39
CA SER A 165 -2.85 -40.13 -27.05
C SER A 165 -3.27 -38.83 -27.69
N ASP A 166 -3.64 -38.90 -28.96
CA ASP A 166 -4.02 -37.69 -29.68
C ASP A 166 -5.51 -37.44 -29.54
N LEU A 167 -5.87 -36.16 -29.51
CA LEU A 167 -7.26 -35.76 -29.39
C LEU A 167 -7.91 -36.02 -30.72
N ASN A 168 -9.23 -36.21 -30.69
CA ASN A 168 -9.97 -36.42 -31.93
C ASN A 168 -10.61 -35.09 -32.30
N LEU A 169 -9.79 -34.24 -32.90
CA LEU A 169 -10.17 -32.89 -33.32
C LEU A 169 -11.53 -32.78 -34.00
N LEU A 170 -12.02 -33.89 -34.55
CA LEU A 170 -13.31 -33.86 -35.22
C LEU A 170 -14.42 -33.59 -34.21
N GLU A 171 -14.19 -33.98 -32.95
CA GLU A 171 -15.17 -33.78 -31.90
C GLU A 171 -15.19 -32.35 -31.34
N TRP A 172 -14.04 -31.67 -31.38
CA TRP A 172 -13.99 -30.31 -30.86
C TRP A 172 -14.57 -29.31 -31.83
N THR A 173 -15.22 -28.30 -31.29
CA THR A 173 -15.82 -27.26 -32.11
C THR A 173 -15.51 -25.92 -31.45
N HIS A 174 -15.32 -24.87 -32.23
CA HIS A 174 -15.07 -23.59 -31.63
C HIS A 174 -15.80 -22.45 -32.30
N HIS A 175 -16.70 -21.83 -31.55
CA HIS A 175 -17.51 -20.72 -32.01
C HIS A 175 -17.20 -19.41 -31.30
N SER A 176 -17.05 -18.34 -32.08
CA SER A 176 -16.75 -17.00 -31.55
C SER A 176 -18.07 -16.35 -31.14
N MET A 177 -18.09 -15.78 -29.93
CA MET A 177 -19.29 -15.15 -29.39
C MET A 177 -19.75 -13.90 -30.14
N LYS A 178 -21.05 -13.87 -30.42
CA LYS A 178 -21.73 -12.79 -31.12
C LYS A 178 -21.86 -11.53 -30.24
N PRO A 179 -21.32 -10.39 -30.70
CA PRO A 179 -21.39 -9.13 -29.94
C PRO A 179 -22.79 -8.80 -29.40
N HIS A 180 -23.81 -9.49 -29.93
CA HIS A 180 -25.21 -9.30 -29.52
C HIS A 180 -25.64 -10.33 -28.49
N GLU A 181 -24.72 -11.21 -28.13
CA GLU A 181 -24.99 -12.25 -27.15
C GLU A 181 -24.34 -11.88 -25.83
N ILE A 182 -23.04 -11.59 -25.88
CA ILE A 182 -22.28 -11.21 -24.69
C ILE A 182 -22.22 -9.68 -24.60
N PRO A 183 -22.36 -9.15 -23.37
CA PRO A 183 -22.31 -7.70 -23.15
C PRO A 183 -21.01 -7.06 -23.62
N GLN A 184 -21.11 -5.87 -24.22
CA GLN A 184 -19.93 -5.18 -24.70
C GLN A 184 -19.66 -3.97 -23.82
N GLN A 185 -18.41 -3.52 -23.80
CA GLN A 185 -18.06 -2.37 -22.99
C GLN A 185 -18.37 -1.09 -23.77
N LEU A 186 -18.88 -0.10 -23.04
CA LEU A 186 -19.25 1.16 -23.64
C LEU A 186 -18.27 2.29 -23.45
N ASN A 187 -17.08 2.00 -22.92
CA ASN A 187 -16.08 3.05 -22.68
C ASN A 187 -14.67 2.61 -23.08
N GLY A 188 -13.67 3.33 -22.61
CA GLY A 188 -12.32 2.97 -22.99
C GLY A 188 -11.40 2.42 -21.94
N SER A 189 -11.91 1.65 -20.98
CA SER A 189 -11.01 1.15 -19.95
C SER A 189 -11.45 -0.07 -19.17
N ASP A 190 -12.60 -0.63 -19.47
CA ASP A 190 -13.05 -1.75 -18.65
C ASP A 190 -12.85 -3.14 -19.26
N SER A 191 -12.01 -3.29 -20.29
CA SER A 191 -11.84 -4.62 -20.87
C SER A 191 -11.33 -5.66 -19.86
N GLY A 192 -10.41 -5.25 -18.99
CA GLY A 192 -9.88 -6.16 -17.98
C GLY A 192 -11.02 -6.62 -17.08
N MET A 193 -11.87 -5.68 -16.69
CA MET A 193 -13.02 -5.99 -15.85
C MET A 193 -13.98 -6.94 -16.55
N PHE A 194 -14.24 -6.71 -17.84
CA PHE A 194 -15.17 -7.59 -18.55
C PHE A 194 -14.59 -8.98 -18.59
N THR A 195 -13.28 -9.08 -18.82
CA THR A 195 -12.59 -10.37 -18.88
C THR A 195 -12.80 -11.15 -17.57
N CYS A 196 -12.57 -10.49 -16.45
CA CYS A 196 -12.74 -11.11 -15.15
C CYS A 196 -14.19 -11.48 -14.88
N LYS A 197 -15.14 -10.62 -15.22
CA LYS A 197 -16.51 -10.99 -14.93
C LYS A 197 -17.03 -12.05 -15.92
N TYR A 198 -16.46 -12.13 -17.11
CA TYR A 198 -16.90 -13.17 -18.05
C TYR A 198 -16.48 -14.47 -17.37
N ALA A 199 -15.20 -14.57 -17.06
CA ALA A 199 -14.62 -15.75 -16.42
C ALA A 199 -15.39 -16.16 -15.19
N ASP A 200 -15.82 -15.17 -14.43
CA ASP A 200 -16.55 -15.47 -13.20
C ASP A 200 -17.86 -16.17 -13.53
N TYR A 201 -18.70 -15.55 -14.36
CA TYR A 201 -19.96 -16.18 -14.71
C TYR A 201 -19.78 -17.52 -15.43
N ILE A 202 -18.82 -17.60 -16.34
CA ILE A 202 -18.61 -18.86 -17.06
C ILE A 202 -18.06 -19.98 -16.18
N SER A 203 -17.37 -19.61 -15.10
CA SER A 203 -16.83 -20.61 -14.20
C SER A 203 -17.97 -21.28 -13.44
N ARG A 204 -19.07 -20.55 -13.24
CA ARG A 204 -20.24 -21.02 -12.53
C ARG A 204 -21.37 -21.48 -13.49
N ASP A 205 -21.03 -21.71 -14.75
CA ASP A 205 -22.03 -22.12 -15.75
C ASP A 205 -23.24 -21.18 -15.71
N LYS A 206 -22.99 -19.89 -15.54
CA LYS A 206 -24.10 -18.94 -15.44
C LYS A 206 -24.25 -18.06 -16.68
N PRO A 207 -25.49 -17.79 -17.11
CA PRO A 207 -25.62 -16.95 -18.30
C PRO A 207 -25.05 -15.54 -18.02
N ILE A 208 -24.17 -15.06 -18.89
CA ILE A 208 -23.55 -13.74 -18.74
C ILE A 208 -24.65 -12.70 -18.85
N THR A 209 -25.21 -12.25 -17.74
CA THR A 209 -26.28 -11.28 -17.86
C THR A 209 -26.00 -9.87 -17.35
N PHE A 210 -24.74 -9.56 -17.08
CA PHE A 210 -24.39 -8.22 -16.58
C PHE A 210 -24.20 -7.20 -17.71
N THR A 211 -24.14 -5.93 -17.33
CA THR A 211 -23.94 -4.86 -18.31
C THR A 211 -22.92 -3.84 -17.83
N GLN A 212 -22.46 -3.04 -18.78
CA GLN A 212 -21.49 -1.99 -18.53
C GLN A 212 -21.88 -1.16 -17.31
N HIS A 213 -23.17 -1.14 -16.99
CA HIS A 213 -23.67 -0.35 -15.86
C HIS A 213 -23.22 -0.86 -14.51
N GLN A 214 -22.91 -2.15 -14.43
CA GLN A 214 -22.48 -2.75 -13.17
C GLN A 214 -20.99 -2.60 -12.88
N MET A 215 -20.21 -2.36 -13.92
CA MET A 215 -18.78 -2.23 -13.78
C MET A 215 -18.27 -1.42 -12.58
N PRO A 216 -18.88 -0.25 -12.31
CA PRO A 216 -18.38 0.53 -11.16
C PRO A 216 -18.47 -0.19 -9.83
N LEU A 217 -19.60 -0.87 -9.60
CA LEU A 217 -19.77 -1.59 -8.35
C LEU A 217 -18.82 -2.77 -8.37
N PHE A 218 -18.72 -3.46 -9.50
CA PHE A 218 -17.83 -4.61 -9.65
C PHE A 218 -16.41 -4.22 -9.27
N ARG A 219 -15.97 -3.06 -9.77
CA ARG A 219 -14.64 -2.57 -9.45
C ARG A 219 -14.48 -2.38 -7.94
N LYS A 220 -15.48 -1.79 -7.29
CA LYS A 220 -15.42 -1.56 -5.86
C LYS A 220 -15.37 -2.89 -5.11
N LYS A 221 -16.21 -3.82 -5.54
CA LYS A 221 -16.26 -5.12 -4.91
C LYS A 221 -14.97 -5.92 -5.12
N MET A 222 -14.37 -5.79 -6.30
CA MET A 222 -13.16 -6.56 -6.52
C MET A 222 -12.01 -6.18 -5.59
N VAL A 223 -11.95 -4.93 -5.13
CA VAL A 223 -10.86 -4.60 -4.26
C VAL A 223 -11.10 -5.24 -2.90
N TRP A 224 -12.34 -5.26 -2.46
CA TRP A 224 -12.69 -5.90 -1.19
C TRP A 224 -12.41 -7.40 -1.30
N GLU A 225 -12.84 -8.00 -2.41
CA GLU A 225 -12.64 -9.44 -2.65
C GLU A 225 -11.18 -9.85 -2.65
N ILE A 226 -10.31 -9.00 -3.18
CA ILE A 226 -8.88 -9.28 -3.23
C ILE A 226 -8.23 -9.16 -1.85
N LEU A 227 -8.59 -8.13 -1.09
CA LEU A 227 -8.00 -7.94 0.22
C LEU A 227 -8.39 -9.06 1.18
N HIS A 228 -9.65 -9.47 1.07
CA HIS A 228 -10.19 -10.52 1.89
C HIS A 228 -10.08 -11.90 1.28
N GLN A 229 -9.61 -11.99 0.05
CA GLN A 229 -9.46 -13.27 -0.65
C GLN A 229 -10.75 -14.08 -0.48
N GLN A 230 -11.88 -13.42 -0.69
CA GLN A 230 -13.19 -14.01 -0.54
C GLN A 230 -14.09 -13.34 -1.58
N LEU A 231 -14.80 -14.11 -2.42
CA LEU A 231 -15.69 -13.49 -3.41
C LEU A 231 -17.06 -13.17 -2.80
N LEU A 232 -17.78 -12.27 -3.44
CA LEU A 232 -19.10 -11.82 -2.97
C LEU A 232 -20.23 -12.13 -3.96
N ASP B 6 26.35 -26.64 -2.65
CA ASP B 6 26.94 -26.89 -4.01
C ASP B 6 26.55 -25.76 -4.98
N HIS B 7 27.00 -25.85 -6.24
CA HIS B 7 26.72 -24.81 -7.22
C HIS B 7 25.91 -25.20 -8.46
N ILE B 8 24.91 -24.39 -8.78
CA ILE B 8 24.03 -24.60 -9.92
C ILE B 8 24.03 -23.38 -10.85
N ASN B 9 23.72 -23.63 -12.12
CA ASN B 9 23.69 -22.57 -13.12
C ASN B 9 22.30 -22.32 -13.70
N LEU B 10 21.78 -21.12 -13.42
CA LEU B 10 20.48 -20.71 -13.91
C LEU B 10 20.65 -19.71 -15.03
N LYS B 11 19.71 -19.72 -15.97
CA LYS B 11 19.73 -18.79 -17.09
C LYS B 11 18.47 -17.93 -16.99
N VAL B 12 18.63 -16.61 -17.08
CA VAL B 12 17.49 -15.72 -17.00
C VAL B 12 17.21 -15.18 -18.41
N ALA B 13 16.06 -15.55 -18.95
CA ALA B 13 15.71 -15.15 -20.30
C ALA B 13 14.61 -14.12 -20.32
N GLY B 14 14.91 -12.98 -20.94
CA GLY B 14 13.94 -11.93 -21.05
C GLY B 14 13.14 -12.03 -22.33
N GLN B 15 12.12 -11.19 -22.48
CA GLN B 15 11.29 -11.24 -23.69
C GLN B 15 12.01 -10.75 -24.94
N ASP B 16 13.13 -10.02 -24.76
CA ASP B 16 13.92 -9.47 -25.87
C ASP B 16 14.99 -10.42 -26.41
N GLY B 17 14.92 -11.68 -25.96
CA GLY B 17 15.86 -12.68 -26.41
C GLY B 17 17.18 -12.72 -25.69
N SER B 18 17.33 -11.91 -24.65
CA SER B 18 18.58 -11.91 -23.91
C SER B 18 18.59 -13.11 -22.97
N VAL B 19 19.79 -13.54 -22.58
CA VAL B 19 19.93 -14.63 -21.63
C VAL B 19 21.11 -14.27 -20.75
N VAL B 20 20.92 -14.32 -19.44
CA VAL B 20 22.00 -14.00 -18.52
C VAL B 20 22.27 -15.21 -17.64
N GLN B 21 23.53 -15.64 -17.62
CA GLN B 21 23.96 -16.79 -16.84
C GLN B 21 24.26 -16.39 -15.40
N PHE B 22 23.94 -17.27 -14.47
CA PHE B 22 24.20 -17.03 -13.07
C PHE B 22 24.66 -18.31 -12.41
N LYS B 23 25.42 -18.18 -11.33
CA LYS B 23 25.88 -19.35 -10.57
C LYS B 23 25.50 -19.10 -9.12
N ILE B 24 24.69 -19.99 -8.57
CA ILE B 24 24.27 -19.87 -7.17
C ILE B 24 24.24 -21.22 -6.49
N LYS B 25 24.30 -21.23 -5.16
CA LYS B 25 24.23 -22.48 -4.43
C LYS B 25 22.75 -22.86 -4.34
N ARG B 26 22.47 -24.16 -4.42
CA ARG B 26 21.10 -24.64 -4.37
C ARG B 26 20.33 -24.21 -3.14
N HIS B 27 21.01 -23.64 -2.16
CA HIS B 27 20.35 -23.20 -0.94
C HIS B 27 20.35 -21.71 -0.70
N THR B 28 20.68 -20.95 -1.74
CA THR B 28 20.71 -19.49 -1.65
C THR B 28 19.39 -18.86 -2.08
N PRO B 29 18.83 -17.97 -1.25
CA PRO B 29 17.58 -17.35 -1.67
C PRO B 29 17.82 -16.50 -2.92
N LEU B 30 17.00 -16.72 -3.95
CA LEU B 30 17.12 -16.02 -5.23
C LEU B 30 17.07 -14.49 -5.26
N SER B 31 16.87 -13.87 -4.10
CA SER B 31 16.80 -12.42 -4.05
C SER B 31 17.96 -11.71 -4.73
N LYS B 32 19.20 -12.03 -4.34
CA LYS B 32 20.36 -11.37 -4.93
C LYS B 32 20.47 -11.54 -6.44
N LEU B 33 20.08 -12.70 -6.94
CA LEU B 33 20.14 -12.93 -8.38
C LEU B 33 19.16 -11.98 -9.07
N MET B 34 17.90 -11.98 -8.62
CA MET B 34 16.88 -11.11 -9.19
C MET B 34 17.28 -9.65 -9.18
N LYS B 35 17.75 -9.17 -8.04
CA LYS B 35 18.18 -7.78 -7.92
C LYS B 35 19.33 -7.47 -8.86
N ALA B 36 20.25 -8.42 -9.01
CA ALA B 36 21.40 -8.23 -9.88
C ALA B 36 20.94 -8.15 -11.31
N TYR B 37 20.00 -9.02 -11.67
CA TYR B 37 19.46 -9.05 -13.02
C TYR B 37 18.91 -7.66 -13.33
N CYS B 38 18.06 -7.13 -12.46
CA CYS B 38 17.48 -5.80 -12.69
C CYS B 38 18.53 -4.74 -12.95
N GLU B 39 19.53 -4.70 -12.08
CA GLU B 39 20.62 -3.74 -12.20
C GLU B 39 21.30 -3.85 -13.55
N ARG B 40 21.73 -5.06 -13.92
CA ARG B 40 22.41 -5.22 -15.20
C ARG B 40 21.53 -4.87 -16.40
N GLN B 41 20.28 -5.30 -16.37
CA GLN B 41 19.40 -5.03 -17.51
C GLN B 41 18.74 -3.66 -17.52
N GLY B 42 18.99 -2.87 -16.48
CA GLY B 42 18.40 -1.56 -16.40
C GLY B 42 16.89 -1.62 -16.25
N LEU B 43 16.41 -2.67 -15.57
CA LEU B 43 14.99 -2.86 -15.35
C LEU B 43 14.57 -2.42 -13.95
N SER B 44 13.28 -2.41 -13.71
CA SER B 44 12.74 -2.04 -12.40
C SER B 44 11.94 -3.23 -11.88
N MET B 45 12.20 -3.66 -10.66
CA MET B 45 11.46 -4.81 -10.10
C MET B 45 9.96 -4.66 -10.24
N ARG B 46 9.46 -3.47 -9.88
CA ARG B 46 8.03 -3.18 -9.94
C ARG B 46 7.43 -3.55 -11.28
N GLN B 47 8.16 -3.26 -12.35
CA GLN B 47 7.64 -3.49 -13.67
C GLN B 47 7.87 -4.83 -14.35
N ILE B 48 8.58 -5.73 -13.69
CA ILE B 48 8.79 -7.01 -14.32
C ILE B 48 8.26 -8.18 -13.50
N ARG B 49 8.34 -9.37 -14.05
CA ARG B 49 7.82 -10.56 -13.38
C ARG B 49 8.69 -11.79 -13.60
N PHE B 50 9.26 -12.34 -12.52
CA PHE B 50 10.07 -13.53 -12.64
C PHE B 50 9.16 -14.76 -12.51
N ARG B 51 9.34 -15.72 -13.44
CA ARG B 51 8.54 -16.95 -13.49
C ARG B 51 9.41 -18.18 -13.79
N PHE B 52 9.11 -19.26 -13.10
CA PHE B 52 9.81 -20.53 -13.30
C PHE B 52 8.70 -21.48 -13.68
N ASP B 53 8.67 -21.84 -14.96
CA ASP B 53 7.66 -22.73 -15.52
C ASP B 53 6.27 -22.14 -15.35
N GLY B 54 6.14 -20.83 -15.53
CA GLY B 54 4.85 -20.19 -15.40
C GLY B 54 4.42 -19.82 -13.98
N GLN B 55 5.23 -20.20 -13.01
CA GLN B 55 4.90 -19.92 -11.63
C GLN B 55 5.75 -18.77 -11.10
N PRO B 56 5.18 -17.92 -10.24
CA PRO B 56 5.96 -16.81 -9.71
C PRO B 56 7.03 -17.22 -8.71
N ILE B 57 8.12 -16.44 -8.66
CA ILE B 57 9.21 -16.70 -7.74
C ILE B 57 9.34 -15.62 -6.69
N ASN B 58 9.52 -16.04 -5.44
CA ASN B 58 9.67 -15.14 -4.30
C ASN B 58 11.13 -14.98 -4.00
N GLU B 59 11.53 -13.79 -3.55
CA GLU B 59 12.94 -13.55 -3.22
C GLU B 59 13.47 -14.58 -2.22
N THR B 60 12.58 -15.06 -1.36
CA THR B 60 12.93 -16.06 -0.33
C THR B 60 13.01 -17.47 -0.88
N ASP B 61 12.47 -17.69 -2.08
CA ASP B 61 12.52 -19.02 -2.67
C ASP B 61 13.99 -19.36 -2.90
N THR B 62 14.28 -20.65 -2.97
CA THR B 62 15.63 -21.14 -3.16
C THR B 62 15.61 -22.12 -4.33
N PRO B 63 16.72 -22.23 -5.08
CA PRO B 63 16.72 -23.18 -6.21
C PRO B 63 16.25 -24.57 -5.80
N ALA B 64 16.55 -24.93 -4.55
CA ALA B 64 16.17 -26.24 -4.02
C ALA B 64 14.68 -26.34 -3.77
N GLN B 65 14.14 -25.36 -3.05
CA GLN B 65 12.71 -25.33 -2.73
C GLN B 65 11.84 -25.38 -4.00
N LEU B 66 12.39 -24.92 -5.11
CA LEU B 66 11.67 -24.90 -6.38
C LEU B 66 12.07 -26.05 -7.28
N GLU B 67 13.00 -26.87 -6.78
CA GLU B 67 13.49 -28.03 -7.51
C GLU B 67 14.03 -27.70 -8.89
N MET B 68 14.96 -26.76 -8.92
CA MET B 68 15.59 -26.34 -10.16
C MET B 68 16.82 -27.20 -10.41
N GLU B 69 17.02 -27.59 -11.66
CA GLU B 69 18.18 -28.39 -12.02
C GLU B 69 19.22 -27.48 -12.67
N ASP B 70 20.34 -28.05 -13.06
CA ASP B 70 21.38 -27.27 -13.68
C ASP B 70 20.94 -26.87 -15.07
N GLU B 71 21.33 -25.66 -15.49
CA GLU B 71 20.99 -25.09 -16.78
C GLU B 71 19.49 -24.83 -17.01
N ASP B 72 18.74 -24.78 -15.90
CA ASP B 72 17.31 -24.50 -15.94
C ASP B 72 17.13 -23.00 -16.27
N THR B 73 15.98 -22.65 -16.82
CA THR B 73 15.71 -21.27 -17.21
C THR B 73 14.61 -20.53 -16.45
N ILE B 74 14.92 -19.32 -16.03
CA ILE B 74 13.96 -18.46 -15.34
C ILE B 74 13.49 -17.43 -16.38
N ASP B 75 12.17 -17.32 -16.56
CA ASP B 75 11.63 -16.37 -17.52
C ASP B 75 11.30 -15.02 -16.88
N VAL B 76 11.53 -13.93 -17.61
CA VAL B 76 11.22 -12.60 -17.12
C VAL B 76 10.20 -11.96 -18.05
N PHE B 77 9.14 -11.40 -17.47
CA PHE B 77 8.08 -10.78 -18.25
C PHE B 77 7.83 -9.34 -17.85
N GLN B 78 7.33 -8.55 -18.79
CA GLN B 78 6.99 -7.16 -18.51
C GLN B 78 5.55 -7.15 -17.98
N GLN B 79 5.16 -6.08 -17.33
CA GLN B 79 3.79 -5.99 -16.85
C GLN B 79 2.87 -5.87 -18.06
N GLN B 80 1.58 -6.13 -17.83
CA GLN B 80 0.58 -6.06 -18.86
C GLN B 80 -0.52 -5.15 -18.33
N THR B 81 -1.10 -4.35 -19.19
CA THR B 81 -2.15 -3.44 -18.79
C THR B 81 -3.16 -3.43 -19.93
N GLY B 82 -4.43 -3.14 -19.65
CA GLY B 82 -5.38 -3.13 -20.73
C GLY B 82 -6.71 -2.49 -20.38
N GLY B 83 -7.31 -1.81 -21.37
CA GLY B 83 -8.59 -1.12 -21.21
C GLY B 83 -9.42 -1.15 -22.49
N VAL B 84 -8.79 -0.84 -23.62
CA VAL B 84 -9.45 -0.85 -24.94
C VAL B 84 -8.45 -1.08 -26.05
N PRO B 85 -8.90 -1.67 -27.17
CA PRO B 85 -7.99 -1.92 -28.28
C PRO B 85 -7.94 -0.68 -29.15
N GLU B 86 -7.00 -0.61 -30.09
CA GLU B 86 -6.89 0.52 -31.02
C GLU B 86 -8.17 0.62 -31.88
N LEU C 9 12.92 16.47 12.64
CA LEU C 9 12.90 15.02 12.30
C LEU C 9 14.30 14.44 12.16
N GLU C 10 14.39 13.11 12.31
CA GLU C 10 15.66 12.37 12.16
C GLU C 10 15.26 11.11 11.41
N LEU C 11 15.51 11.09 10.11
CA LEU C 11 15.14 9.96 9.28
C LEU C 11 15.63 8.62 9.80
N THR C 12 14.74 7.63 9.73
CA THR C 12 15.01 6.26 10.14
C THR C 12 15.86 5.57 9.09
N GLU C 13 16.58 4.52 9.48
CA GLU C 13 17.43 3.79 8.54
C GLU C 13 16.58 3.20 7.40
N ASP C 14 15.38 2.72 7.72
CA ASP C 14 14.52 2.18 6.70
C ASP C 14 14.04 3.33 5.81
N MET C 15 13.82 4.49 6.43
CA MET C 15 13.40 5.69 5.71
C MET C 15 14.52 6.16 4.78
N GLU C 16 15.74 6.20 5.30
CA GLU C 16 16.88 6.62 4.51
C GLU C 16 17.08 5.68 3.34
N LYS C 17 16.79 4.40 3.54
CA LYS C 17 16.97 3.42 2.47
C LYS C 17 15.95 3.60 1.34
N GLU C 18 14.66 3.79 1.67
CA GLU C 18 13.64 3.97 0.62
C GLU C 18 13.98 5.23 -0.17
N ILE C 19 14.56 6.22 0.52
CA ILE C 19 14.94 7.46 -0.12
C ILE C 19 16.09 7.27 -1.08
N SER C 20 17.15 6.60 -0.61
CA SER C 20 18.33 6.30 -1.45
C SER C 20 17.99 5.53 -2.72
N ASN C 21 17.01 4.65 -2.63
CA ASN C 21 16.62 3.84 -3.78
C ASN C 21 15.93 4.70 -4.83
N ALA C 22 15.02 5.54 -4.36
CA ALA C 22 14.26 6.43 -5.23
C ALA C 22 15.21 7.41 -5.91
N LEU C 23 16.16 7.96 -5.16
CA LEU C 23 17.10 8.91 -5.71
C LEU C 23 18.28 8.28 -6.43
N GLY C 24 18.44 6.96 -6.27
CA GLY C 24 19.55 6.27 -6.91
C GLY C 24 19.33 5.89 -8.35
N HIS C 25 20.11 4.93 -8.84
CA HIS C 25 19.99 4.49 -10.24
C HIS C 25 18.76 3.69 -10.61
N GLY C 26 18.35 3.83 -11.86
CA GLY C 26 17.18 3.11 -12.33
C GLY C 26 16.63 3.81 -13.56
N PRO C 27 15.57 3.27 -14.15
CA PRO C 27 14.95 3.87 -15.34
C PRO C 27 14.38 5.24 -14.96
N GLN C 28 14.78 6.26 -15.70
CA GLN C 28 14.35 7.64 -15.46
C GLN C 28 12.82 7.84 -15.57
N ASP C 29 12.16 7.01 -16.38
CA ASP C 29 10.72 7.15 -16.55
C ASP C 29 9.88 6.24 -15.66
N GLU C 30 10.52 5.61 -14.68
CA GLU C 30 9.81 4.73 -13.76
C GLU C 30 8.93 5.54 -12.81
N ILE C 31 7.64 5.22 -12.74
CA ILE C 31 6.72 5.93 -11.87
C ILE C 31 6.88 5.50 -10.41
N LEU C 32 7.31 6.42 -9.56
CA LEU C 32 7.49 6.09 -8.16
C LEU C 32 6.28 6.45 -7.31
N SER C 33 5.43 7.33 -7.80
CA SER C 33 4.28 7.72 -6.98
C SER C 33 3.16 8.35 -7.80
N SER C 34 1.92 7.96 -7.54
CA SER C 34 0.75 8.49 -8.24
C SER C 34 -0.35 8.99 -7.30
N ALA C 35 -0.82 10.20 -7.59
CA ALA C 35 -1.88 10.85 -6.84
C ALA C 35 -2.12 12.22 -7.47
N PHE C 36 -3.32 12.76 -7.25
CA PHE C 36 -3.65 14.09 -7.77
C PHE C 36 -3.48 14.15 -9.28
N LYS C 37 -3.55 13.00 -9.93
CA LYS C 37 -3.45 12.96 -11.38
C LYS C 37 -2.03 13.21 -11.83
N LEU C 38 -1.08 13.18 -10.93
CA LEU C 38 0.31 13.38 -11.33
C LEU C 38 0.99 12.04 -11.23
N ARG C 39 2.11 11.89 -11.91
CA ARG C 39 2.86 10.65 -11.87
C ARG C 39 4.30 11.08 -11.66
N ILE C 40 4.81 10.91 -10.46
CA ILE C 40 6.19 11.29 -10.20
C ILE C 40 7.06 10.13 -10.66
N THR C 41 8.11 10.43 -11.43
CA THR C 41 8.99 9.40 -11.93
C THR C 41 10.36 9.48 -11.25
N ARG C 42 11.18 8.46 -11.43
CA ARG C 42 12.49 8.51 -10.81
C ARG C 42 13.21 9.80 -11.26
N GLY C 43 12.94 10.24 -12.48
CA GLY C 43 13.57 11.46 -12.99
C GLY C 43 13.06 12.73 -12.32
N ASP C 44 11.78 12.75 -11.97
CA ASP C 44 11.16 13.90 -11.29
C ASP C 44 11.71 14.02 -9.88
N ILE C 45 11.62 12.92 -9.13
CA ILE C 45 12.06 12.93 -7.75
C ILE C 45 13.57 13.16 -7.63
N GLN C 46 14.29 12.95 -8.72
CA GLN C 46 15.73 13.16 -8.66
C GLN C 46 16.09 14.64 -8.61
N THR C 47 15.15 15.50 -8.98
CA THR C 47 15.42 16.93 -8.92
C THR C 47 15.52 17.32 -7.45
N LEU C 48 15.34 16.35 -6.55
CA LEU C 48 15.39 16.59 -5.11
C LEU C 48 16.72 16.20 -4.47
N LYS C 49 17.68 15.80 -5.28
CA LYS C 49 19.01 15.45 -4.78
C LYS C 49 19.67 16.79 -4.50
N ASN C 50 20.69 16.81 -3.64
CA ASN C 50 21.34 18.07 -3.34
C ASN C 50 21.76 18.85 -4.56
N TYR C 51 21.61 20.16 -4.49
CA TYR C 51 21.98 21.05 -5.57
C TYR C 51 21.29 20.81 -6.90
N HIS C 52 20.13 20.18 -6.88
CA HIS C 52 19.37 19.96 -8.11
C HIS C 52 18.16 20.88 -8.02
N TRP C 53 17.60 21.28 -9.15
CA TRP C 53 16.47 22.18 -9.12
C TRP C 53 15.11 21.50 -9.17
N LEU C 54 14.27 21.77 -8.19
CA LEU C 54 12.94 21.16 -8.16
C LEU C 54 12.21 21.56 -9.43
N ASN C 55 11.39 20.66 -9.94
CA ASN C 55 10.61 20.94 -11.13
C ASN C 55 9.13 21.06 -10.76
N ASP C 56 8.32 21.47 -11.72
CA ASP C 56 6.91 21.66 -11.50
C ASP C 56 6.21 20.42 -10.89
N GLU C 57 6.60 19.22 -11.33
CA GLU C 57 6.00 18.00 -10.85
C GLU C 57 6.13 17.82 -9.32
N VAL C 58 7.35 17.96 -8.81
CA VAL C 58 7.57 17.85 -7.39
C VAL C 58 6.77 18.91 -6.61
N ILE C 59 6.83 20.15 -7.05
CA ILE C 59 6.12 21.22 -6.39
C ILE C 59 4.61 21.02 -6.38
N ASN C 60 4.02 20.77 -7.54
CA ASN C 60 2.58 20.56 -7.60
C ASN C 60 2.18 19.36 -6.72
N PHE C 61 2.97 18.29 -6.71
CA PHE C 61 2.62 17.15 -5.88
C PHE C 61 2.56 17.54 -4.39
N TYR C 62 3.66 18.09 -3.90
CA TYR C 62 3.79 18.54 -2.52
C TYR C 62 2.67 19.52 -2.11
N MET C 63 2.37 20.48 -2.98
CA MET C 63 1.32 21.45 -2.69
C MET C 63 -0.01 20.74 -2.43
N ASN C 64 -0.34 19.74 -3.23
CA ASN C 64 -1.59 19.01 -3.06
C ASN C 64 -1.58 18.20 -1.75
N LEU C 65 -0.39 17.75 -1.35
CA LEU C 65 -0.23 17.02 -0.09
C LEU C 65 -0.58 17.93 1.10
N LEU C 66 -0.19 19.21 1.03
CA LEU C 66 -0.50 20.15 2.12
C LEU C 66 -2.02 20.28 2.26
N VAL C 67 -2.74 20.21 1.15
CA VAL C 67 -4.19 20.33 1.23
C VAL C 67 -4.76 19.17 2.03
N GLU C 68 -4.31 17.96 1.70
CA GLU C 68 -4.78 16.75 2.40
C GLU C 68 -4.36 16.75 3.87
N ARG C 69 -3.15 17.23 4.12
CA ARG C 69 -2.62 17.32 5.48
C ARG C 69 -3.53 18.24 6.25
N ASN C 70 -3.70 19.46 5.74
CA ASN C 70 -4.54 20.46 6.38
C ASN C 70 -5.94 19.96 6.68
N LYS C 71 -6.52 19.24 5.73
CA LYS C 71 -7.87 18.73 5.86
C LYS C 71 -7.96 17.72 6.99
N LYS C 72 -7.03 16.79 7.03
CA LYS C 72 -7.09 15.78 8.07
C LYS C 72 -6.69 16.24 9.45
N GLN C 73 -5.83 17.24 9.56
CA GLN C 73 -5.39 17.72 10.86
C GLN C 73 -6.16 18.89 11.47
N GLY C 74 -7.19 19.38 10.80
CA GLY C 74 -7.96 20.49 11.34
C GLY C 74 -7.37 21.88 11.12
N TYR C 75 -6.50 22.02 10.12
CA TYR C 75 -5.88 23.30 9.79
C TYR C 75 -6.78 24.07 8.83
N PRO C 76 -6.45 25.34 8.53
CA PRO C 76 -7.29 26.14 7.61
C PRO C 76 -7.56 25.55 6.22
N ALA C 77 -8.79 25.71 5.73
CA ALA C 77 -9.15 25.22 4.41
C ALA C 77 -8.16 25.84 3.46
N LEU C 78 -7.50 24.98 2.72
CA LEU C 78 -6.46 25.40 1.83
C LEU C 78 -6.76 25.08 0.40
N HIS C 79 -6.58 26.07 -0.47
CA HIS C 79 -6.74 25.82 -1.88
C HIS C 79 -5.40 26.10 -2.51
N VAL C 80 -5.02 25.28 -3.47
CA VAL C 80 -3.72 25.44 -4.10
C VAL C 80 -3.80 25.56 -5.62
N PHE C 81 -3.05 26.50 -6.16
CA PHE C 81 -3.05 26.67 -7.61
C PHE C 81 -1.85 25.93 -8.20
N SER C 82 -2.02 25.56 -9.46
CA SER C 82 -1.01 24.84 -10.20
C SER C 82 0.14 25.80 -10.49
N THR C 83 1.34 25.28 -10.70
CA THR C 83 2.45 26.15 -11.01
C THR C 83 2.27 26.72 -12.42
N PHE C 84 1.27 26.26 -13.16
CA PHE C 84 1.08 26.81 -14.50
C PHE C 84 0.03 27.90 -14.51
N PHE C 85 -0.62 28.13 -13.36
CA PHE C 85 -1.67 29.14 -13.24
C PHE C 85 -1.17 30.56 -13.42
N TYR C 86 -0.21 30.98 -12.61
CA TYR C 86 0.26 32.36 -12.72
C TYR C 86 0.72 32.78 -14.11
N PRO C 87 1.59 31.99 -14.76
CA PRO C 87 2.05 32.37 -16.10
C PRO C 87 0.90 32.52 -17.09
N LYS C 88 -0.01 31.57 -17.05
CA LYS C 88 -1.16 31.60 -17.93
C LYS C 88 -1.99 32.89 -17.66
N LEU C 89 -2.15 33.27 -16.40
CA LEU C 89 -2.91 34.47 -16.05
C LEU C 89 -2.23 35.72 -16.54
N LYS C 90 -0.92 35.72 -16.44
CA LYS C 90 -0.13 36.87 -16.82
C LYS C 90 -0.08 37.10 -18.32
N SER C 91 -0.34 36.07 -19.11
CA SER C 91 -0.27 36.24 -20.54
C SER C 91 -1.64 36.29 -21.21
N GLY C 92 -2.58 35.49 -20.73
CA GLY C 92 -3.90 35.47 -21.33
C GLY C 92 -5.01 36.19 -20.57
N GLY C 93 -4.70 36.69 -19.38
CA GLY C 93 -5.70 37.37 -18.59
C GLY C 93 -6.73 36.46 -17.95
N TYR C 94 -7.63 37.05 -17.15
CA TYR C 94 -8.66 36.28 -16.47
C TYR C 94 -9.40 35.25 -17.30
N GLN C 95 -9.74 35.59 -18.54
CA GLN C 95 -10.48 34.67 -19.40
C GLN C 95 -9.71 33.39 -19.74
N ALA C 96 -8.38 33.46 -19.70
CA ALA C 96 -7.59 32.26 -19.99
C ALA C 96 -7.56 31.29 -18.77
N VAL C 97 -7.91 31.79 -17.59
CA VAL C 97 -7.88 30.90 -16.43
C VAL C 97 -9.19 30.71 -15.69
N LYS C 98 -10.24 31.40 -16.13
CA LYS C 98 -11.54 31.31 -15.49
C LYS C 98 -12.03 29.88 -15.19
N ARG C 99 -11.78 28.98 -16.14
CA ARG C 99 -12.20 27.57 -16.04
C ARG C 99 -11.36 26.74 -15.08
N TRP C 100 -10.21 27.25 -14.66
CA TRP C 100 -9.33 26.51 -13.76
C TRP C 100 -9.86 26.33 -12.35
N THR C 101 -10.97 27.01 -12.04
CA THR C 101 -11.56 26.88 -10.72
C THR C 101 -12.94 26.25 -10.76
N LYS C 102 -13.34 25.77 -11.92
CA LYS C 102 -14.64 25.12 -12.06
C LYS C 102 -14.75 24.05 -10.99
N GLY C 103 -15.95 23.90 -10.45
CA GLY C 103 -16.16 22.91 -9.42
C GLY C 103 -15.70 23.35 -8.05
N VAL C 104 -15.13 24.55 -7.94
CA VAL C 104 -14.68 25.00 -6.62
C VAL C 104 -14.97 26.47 -6.33
N ASN C 105 -15.39 26.78 -5.10
CA ASN C 105 -15.65 28.15 -4.72
C ASN C 105 -14.48 28.64 -3.90
N LEU C 106 -13.60 29.39 -4.55
CA LEU C 106 -12.44 29.93 -3.89
C LEU C 106 -12.70 30.53 -2.53
N PHE C 107 -13.73 31.36 -2.43
CA PHE C 107 -13.99 32.06 -1.20
C PHE C 107 -14.52 31.31 0.04
N GLU C 108 -14.77 30.01 -0.11
CA GLU C 108 -15.19 29.19 1.02
C GLU C 108 -13.89 28.71 1.66
N GLN C 109 -12.77 29.02 1.01
CA GLN C 109 -11.45 28.61 1.50
C GLN C 109 -10.90 29.63 2.48
N GLU C 110 -9.83 29.28 3.19
CA GLU C 110 -9.24 30.22 4.12
C GLU C 110 -7.88 30.73 3.67
N ILE C 111 -7.11 29.87 3.00
CA ILE C 111 -5.79 30.25 2.47
C ILE C 111 -5.57 29.73 1.05
N ILE C 112 -5.05 30.59 0.17
CA ILE C 112 -4.76 30.21 -1.21
C ILE C 112 -3.26 30.33 -1.48
N LEU C 113 -2.67 29.27 -2.04
CA LEU C 113 -1.24 29.26 -2.36
C LEU C 113 -1.02 29.33 -3.87
N VAL C 114 -0.29 30.34 -4.30
CA VAL C 114 0.00 30.50 -5.70
C VAL C 114 1.52 30.44 -5.88
N PRO C 115 2.04 29.31 -6.35
CA PRO C 115 3.48 29.13 -6.58
C PRO C 115 3.87 29.97 -7.81
N ILE C 116 4.86 30.86 -7.67
CA ILE C 116 5.27 31.71 -8.79
C ILE C 116 6.59 31.28 -9.42
N HIS C 117 6.57 31.03 -10.73
CA HIS C 117 7.77 30.63 -11.44
C HIS C 117 8.26 31.65 -12.46
N ARG C 118 9.55 31.93 -12.43
CA ARG C 118 10.18 32.86 -13.39
C ARG C 118 11.49 32.21 -13.83
N LYS C 119 11.55 31.79 -15.10
CA LYS C 119 12.72 31.10 -15.66
C LYS C 119 13.80 30.86 -14.62
N VAL C 120 13.90 29.62 -14.16
CA VAL C 120 14.87 29.25 -13.14
C VAL C 120 14.90 30.02 -11.83
N HIS C 121 13.73 30.10 -11.20
CA HIS C 121 13.56 30.67 -9.87
C HIS C 121 12.12 30.50 -9.41
N TRP C 122 11.98 29.77 -8.31
CA TRP C 122 10.69 29.50 -7.73
C TRP C 122 10.45 30.54 -6.66
N SER C 123 9.17 30.88 -6.46
CA SER C 123 8.76 31.88 -5.48
C SER C 123 7.33 31.60 -5.01
N LEU C 124 6.84 32.34 -4.02
CA LEU C 124 5.48 32.09 -3.51
C LEU C 124 4.59 33.26 -3.15
N VAL C 125 3.30 33.11 -3.40
CA VAL C 125 2.34 34.13 -3.01
C VAL C 125 1.26 33.50 -2.15
N VAL C 126 0.97 34.13 -1.02
CA VAL C 126 -0.04 33.60 -0.13
C VAL C 126 -1.19 34.55 0.00
N ILE C 127 -2.40 34.05 -0.23
CA ILE C 127 -3.57 34.88 -0.08
C ILE C 127 -4.35 34.40 1.13
N ASP C 128 -4.49 35.27 2.11
CA ASP C 128 -5.22 34.90 3.30
C ASP C 128 -6.62 35.48 3.19
N LEU C 129 -7.58 34.65 2.81
CA LEU C 129 -8.92 35.13 2.66
C LEU C 129 -9.52 35.57 4.00
N ARG C 130 -9.01 35.04 5.11
CA ARG C 130 -9.54 35.39 6.42
C ARG C 130 -9.27 36.86 6.75
N LYS C 131 -8.04 37.29 6.57
CA LYS C 131 -7.69 38.67 6.87
C LYS C 131 -7.48 39.53 5.63
N LYS C 132 -8.10 39.13 4.53
CA LYS C 132 -8.02 39.83 3.23
C LYS C 132 -6.62 40.38 2.92
N CYS C 133 -5.62 39.51 2.97
CA CYS C 133 -4.25 39.92 2.77
C CYS C 133 -3.46 39.05 1.77
N LEU C 134 -2.58 39.69 0.99
CA LEU C 134 -1.71 39.00 0.04
C LEU C 134 -0.27 39.18 0.49
N LYS C 135 0.52 38.12 0.43
CA LYS C 135 1.90 38.16 0.87
C LYS C 135 2.82 37.51 -0.15
N TYR C 136 3.95 38.15 -0.44
CA TYR C 136 4.89 37.62 -1.40
C TYR C 136 6.18 37.12 -0.71
N LEU C 137 6.56 35.86 -0.95
CA LEU C 137 7.76 35.29 -0.33
C LEU C 137 8.80 34.89 -1.36
N ASP C 138 10.03 35.37 -1.18
CA ASP C 138 11.11 35.13 -2.11
C ASP C 138 12.41 34.89 -1.36
N SER C 139 12.92 33.67 -1.40
CA SER C 139 14.16 33.34 -0.71
C SER C 139 15.36 34.05 -1.32
N MET C 140 15.14 34.81 -2.38
CA MET C 140 16.22 35.54 -3.05
C MET C 140 16.11 37.07 -2.82
N GLY C 141 15.14 37.50 -2.02
CA GLY C 141 15.00 38.90 -1.70
C GLY C 141 14.36 39.84 -2.72
N GLN C 142 13.89 39.30 -3.83
CA GLN C 142 13.26 40.11 -4.86
C GLN C 142 11.91 40.68 -4.40
N LYS C 143 11.43 41.67 -5.15
CA LYS C 143 10.17 42.34 -4.85
C LYS C 143 9.04 41.72 -5.65
N GLY C 144 7.82 41.83 -5.16
CA GLY C 144 6.72 41.26 -5.89
C GLY C 144 5.41 41.98 -5.75
N HIS C 145 5.48 43.31 -5.71
CA HIS C 145 4.28 44.11 -5.60
C HIS C 145 3.44 43.97 -6.86
N ARG C 146 4.07 43.88 -8.01
CA ARG C 146 3.31 43.74 -9.24
C ARG C 146 2.61 42.39 -9.37
N ILE C 147 3.19 41.34 -8.80
CA ILE C 147 2.59 40.02 -8.85
C ILE C 147 1.36 40.10 -7.94
N CYS C 148 1.56 40.66 -6.76
CA CYS C 148 0.45 40.81 -5.83
C CYS C 148 -0.70 41.52 -6.49
N GLU C 149 -0.43 42.62 -7.18
CA GLU C 149 -1.48 43.37 -7.85
C GLU C 149 -2.25 42.54 -8.88
N ILE C 150 -1.53 41.83 -9.73
CA ILE C 150 -2.14 41.00 -10.77
C ILE C 150 -3.05 39.91 -10.18
N LEU C 151 -2.68 39.39 -9.01
CA LEU C 151 -3.44 38.37 -8.35
C LEU C 151 -4.64 38.97 -7.67
N LEU C 152 -4.44 40.12 -7.03
CA LEU C 152 -5.57 40.77 -6.39
C LEU C 152 -6.59 41.08 -7.47
N GLN C 153 -6.12 41.47 -8.65
CA GLN C 153 -7.04 41.80 -9.73
C GLN C 153 -7.72 40.53 -10.15
N TYR C 154 -6.99 39.42 -10.10
CA TYR C 154 -7.57 38.15 -10.45
C TYR C 154 -8.70 37.86 -9.46
N LEU C 155 -8.42 37.98 -8.16
CA LEU C 155 -9.44 37.73 -7.16
C LEU C 155 -10.70 38.55 -7.38
N GLN C 156 -10.51 39.82 -7.76
CA GLN C 156 -11.63 40.72 -8.04
C GLN C 156 -12.45 40.11 -9.16
N ASP C 157 -11.81 39.76 -10.26
CA ASP C 157 -12.56 39.17 -11.38
C ASP C 157 -13.27 37.88 -11.00
N GLU C 158 -12.61 37.00 -10.25
CA GLU C 158 -13.26 35.75 -9.86
C GLU C 158 -14.47 36.02 -8.99
N SER C 159 -14.28 36.88 -8.00
CA SER C 159 -15.38 37.16 -7.09
C SER C 159 -16.56 37.73 -7.87
N LYS C 160 -16.29 38.70 -8.73
CA LYS C 160 -17.35 39.31 -9.51
C LYS C 160 -18.06 38.27 -10.37
N THR C 161 -17.27 37.57 -11.18
CA THR C 161 -17.78 36.54 -12.08
C THR C 161 -18.42 35.30 -11.41
N LYS C 162 -17.84 34.78 -10.33
CA LYS C 162 -18.39 33.57 -9.72
C LYS C 162 -19.46 33.72 -8.66
N ARG C 163 -19.51 34.86 -7.98
CA ARG C 163 -20.53 35.04 -6.95
C ARG C 163 -21.14 36.45 -6.97
N ASN C 164 -20.88 37.19 -8.05
CA ASN C 164 -21.41 38.52 -8.21
C ASN C 164 -21.24 39.42 -6.97
N SER C 165 -20.02 39.43 -6.42
CA SER C 165 -19.74 40.23 -5.25
C SER C 165 -18.46 41.04 -5.44
N ASP C 166 -18.60 42.32 -5.77
CA ASP C 166 -17.41 43.13 -5.95
C ASP C 166 -16.58 43.24 -4.69
N LEU C 167 -15.28 43.23 -4.89
CA LEU C 167 -14.33 43.33 -3.79
C LEU C 167 -14.10 44.79 -3.45
N ASN C 168 -14.01 45.06 -2.15
CA ASN C 168 -13.72 46.41 -1.67
C ASN C 168 -12.19 46.46 -1.59
N LEU C 169 -11.55 46.78 -2.71
CA LEU C 169 -10.09 46.82 -2.81
C LEU C 169 -9.27 47.55 -1.76
N LEU C 170 -9.81 48.61 -1.18
CA LEU C 170 -9.01 49.28 -0.19
C LEU C 170 -8.92 48.50 1.12
N GLU C 171 -9.85 47.57 1.35
CA GLU C 171 -9.79 46.81 2.59
C GLU C 171 -8.85 45.59 2.55
N TRP C 172 -8.16 45.42 1.41
CA TRP C 172 -7.19 44.35 1.22
C TRP C 172 -5.79 44.92 1.32
N THR C 173 -4.88 44.13 1.87
CA THR C 173 -3.51 44.59 2.03
C THR C 173 -2.52 43.56 1.53
N HIS C 174 -1.29 43.97 1.32
CA HIS C 174 -0.27 43.06 0.85
C HIS C 174 1.08 43.50 1.31
N HIS C 175 1.89 42.52 1.73
CA HIS C 175 3.24 42.77 2.19
C HIS C 175 4.18 41.95 1.31
N SER C 176 5.30 42.53 0.90
CA SER C 176 6.30 41.82 0.08
C SER C 176 7.42 41.63 1.11
N MET C 177 7.45 40.46 1.74
CA MET C 177 8.43 40.18 2.79
C MET C 177 9.86 40.59 2.46
N LYS C 178 10.47 41.32 3.39
CA LYS C 178 11.86 41.77 3.24
C LYS C 178 12.85 40.65 3.57
N PRO C 179 14.05 40.71 2.99
CA PRO C 179 15.07 39.68 3.21
C PRO C 179 15.32 39.33 4.68
N HIS C 180 15.19 40.30 5.59
CA HIS C 180 15.43 40.04 7.00
C HIS C 180 14.18 39.52 7.77
N GLU C 181 13.04 39.47 7.10
CA GLU C 181 11.81 38.99 7.74
C GLU C 181 11.48 37.50 7.44
N ILE C 182 12.26 36.89 6.55
CA ILE C 182 12.06 35.48 6.23
C ILE C 182 13.38 34.90 5.73
N PRO C 183 13.62 33.61 6.01
CA PRO C 183 14.84 32.90 5.59
C PRO C 183 15.24 33.03 4.11
N GLN C 184 16.50 33.34 3.90
CA GLN C 184 17.06 33.53 2.57
C GLN C 184 17.88 32.34 2.12
N GLN C 185 17.83 32.03 0.83
CA GLN C 185 18.61 30.91 0.34
C GLN C 185 20.03 31.42 0.20
N LEU C 186 21.00 30.53 0.41
CA LEU C 186 22.40 30.90 0.33
C LEU C 186 23.10 30.27 -0.88
N ASN C 187 22.32 29.63 -1.76
CA ASN C 187 22.85 28.99 -2.97
C ASN C 187 21.86 29.17 -4.12
N GLY C 188 22.20 28.70 -5.32
CA GLY C 188 21.29 28.87 -6.44
C GLY C 188 20.45 27.65 -6.77
N SER C 189 20.27 26.77 -5.79
CA SER C 189 19.54 25.55 -6.04
C SER C 189 18.29 25.30 -5.24
N ASP C 190 18.13 25.98 -4.13
CA ASP C 190 16.99 25.70 -3.29
C ASP C 190 15.74 26.57 -3.35
N SER C 191 15.58 27.41 -4.36
CA SER C 191 14.38 28.25 -4.37
C SER C 191 13.12 27.39 -4.38
N GLY C 192 13.22 26.19 -4.94
CA GLY C 192 12.05 25.32 -4.98
C GLY C 192 11.70 24.85 -3.57
N MET C 193 12.73 24.54 -2.80
CA MET C 193 12.58 24.06 -1.42
C MET C 193 12.06 25.15 -0.50
N PHE C 194 12.60 26.36 -0.63
CA PHE C 194 12.09 27.44 0.20
C PHE C 194 10.61 27.68 -0.14
N THR C 195 10.30 27.73 -1.44
CA THR C 195 8.91 27.92 -1.84
C THR C 195 7.98 26.94 -1.14
N CYS C 196 8.36 25.66 -1.15
CA CYS C 196 7.55 24.61 -0.55
C CYS C 196 7.45 24.73 0.95
N LYS C 197 8.58 25.00 1.61
CA LYS C 197 8.57 25.10 3.05
C LYS C 197 7.88 26.37 3.55
N TYR C 198 7.86 27.43 2.72
CA TYR C 198 7.18 28.65 3.12
C TYR C 198 5.70 28.28 3.17
N ALA C 199 5.24 27.58 2.14
CA ALA C 199 3.86 27.17 2.06
C ALA C 199 3.53 26.21 3.20
N ASP C 200 4.44 25.28 3.49
CA ASP C 200 4.19 24.33 4.56
C ASP C 200 3.87 25.07 5.84
N TYR C 201 4.79 25.92 6.29
CA TYR C 201 4.54 26.67 7.53
C TYR C 201 3.30 27.59 7.47
N ILE C 202 3.18 28.35 6.38
CA ILE C 202 2.07 29.27 6.23
C ILE C 202 0.71 28.59 6.26
N SER C 203 0.61 27.38 5.73
CA SER C 203 -0.67 26.68 5.72
C SER C 203 -0.97 26.10 7.11
N ARG C 204 0.02 26.09 7.98
CA ARG C 204 -0.17 25.61 9.35
C ARG C 204 -0.26 26.78 10.33
N ASP C 205 -0.46 27.99 9.81
CA ASP C 205 -0.57 29.20 10.64
C ASP C 205 0.61 29.31 11.59
N LYS C 206 1.81 29.03 11.10
CA LYS C 206 3.01 29.09 11.91
C LYS C 206 4.00 30.08 11.34
N PRO C 207 4.94 30.56 12.15
CA PRO C 207 5.87 31.50 11.51
C PRO C 207 7.03 30.73 10.85
N ILE C 208 7.49 31.19 9.70
CA ILE C 208 8.59 30.54 9.01
C ILE C 208 9.76 30.56 9.96
N THR C 209 10.06 29.44 10.60
CA THR C 209 11.16 29.44 11.54
C THR C 209 12.39 28.62 11.17
N PHE C 210 12.46 28.14 9.94
CA PHE C 210 13.61 27.34 9.54
C PHE C 210 14.67 28.19 8.86
N THR C 211 15.72 27.55 8.35
CA THR C 211 16.79 28.26 7.67
C THR C 211 17.42 27.38 6.59
N GLN C 212 18.42 27.92 5.91
CA GLN C 212 19.14 27.21 4.86
C GLN C 212 19.83 25.98 5.44
N HIS C 213 20.08 26.01 6.74
CA HIS C 213 20.75 24.92 7.43
C HIS C 213 19.94 23.63 7.44
N GLN C 214 18.67 23.69 7.10
CA GLN C 214 17.85 22.49 7.15
C GLN C 214 17.36 21.99 5.80
N MET C 215 17.86 22.59 4.72
CA MET C 215 17.42 22.17 3.41
C MET C 215 17.82 20.73 3.08
N PRO C 216 19.05 20.33 3.42
CA PRO C 216 19.48 18.96 3.12
C PRO C 216 18.49 17.97 3.73
N LEU C 217 18.15 18.22 4.98
CA LEU C 217 17.20 17.38 5.70
C LEU C 217 15.83 17.50 5.03
N PHE C 218 15.40 18.71 4.72
CA PHE C 218 14.10 18.91 4.10
C PHE C 218 14.01 18.20 2.76
N ARG C 219 15.09 18.22 1.99
CA ARG C 219 15.10 17.56 0.69
C ARG C 219 14.87 16.04 0.83
N LYS C 220 15.53 15.42 1.80
CA LYS C 220 15.35 13.98 1.97
C LYS C 220 13.98 13.69 2.53
N LYS C 221 13.53 14.54 3.42
CA LYS C 221 12.22 14.33 4.00
C LYS C 221 11.14 14.41 2.91
N MET C 222 11.25 15.38 2.01
CA MET C 222 10.24 15.53 0.97
C MET C 222 10.15 14.29 0.07
N VAL C 223 11.28 13.71 -0.30
CA VAL C 223 11.17 12.54 -1.14
C VAL C 223 10.43 11.43 -0.39
N TRP C 224 10.70 11.26 0.90
CA TRP C 224 9.96 10.25 1.64
C TRP C 224 8.46 10.64 1.59
N GLU C 225 8.16 11.89 1.92
CA GLU C 225 6.77 12.34 1.95
C GLU C 225 6.02 12.13 0.63
N ILE C 226 6.72 12.35 -0.49
CA ILE C 226 6.12 12.17 -1.80
C ILE C 226 5.88 10.69 -2.10
N LEU C 227 6.86 9.85 -1.76
CA LEU C 227 6.73 8.42 -2.00
C LEU C 227 5.57 7.82 -1.20
N HIS C 228 5.41 8.26 0.04
CA HIS C 228 4.34 7.74 0.90
C HIS C 228 3.02 8.53 0.87
N GLN C 229 3.04 9.64 0.14
CA GLN C 229 1.87 10.48 -0.02
C GLN C 229 1.35 10.88 1.35
N GLN C 230 2.28 11.24 2.22
CA GLN C 230 1.95 11.62 3.56
C GLN C 230 2.98 12.63 4.03
N LEU C 231 2.55 13.56 4.87
CA LEU C 231 3.48 14.54 5.39
C LEU C 231 3.65 14.26 6.87
N LEU C 232 4.86 14.51 7.35
CA LEU C 232 5.14 14.29 8.76
C LEU C 232 5.17 15.63 9.50
N ASP D 6 -18.63 8.36 -30.70
CA ASP D 6 -18.51 9.10 -31.98
C ASP D 6 -17.20 9.93 -32.07
N HIS D 7 -17.20 11.03 -32.83
CA HIS D 7 -15.98 11.85 -32.97
C HIS D 7 -16.05 13.22 -32.30
N ILE D 8 -14.92 13.91 -32.31
CA ILE D 8 -14.82 15.22 -31.67
C ILE D 8 -13.60 16.00 -32.20
N ASN D 9 -13.65 17.32 -32.11
CA ASN D 9 -12.53 18.17 -32.53
C ASN D 9 -11.89 18.78 -31.29
N LEU D 10 -10.59 18.58 -31.14
CA LEU D 10 -9.87 19.14 -30.01
C LEU D 10 -8.75 20.03 -30.47
N LYS D 11 -8.56 21.16 -29.79
CA LYS D 11 -7.49 22.07 -30.15
C LYS D 11 -6.38 21.88 -29.13
N VAL D 12 -5.13 21.96 -29.56
CA VAL D 12 -4.02 21.83 -28.64
C VAL D 12 -3.16 23.09 -28.70
N ALA D 13 -3.38 23.99 -27.76
CA ALA D 13 -2.69 25.27 -27.67
C ALA D 13 -1.29 25.23 -27.07
N GLY D 14 -0.32 25.62 -27.89
CA GLY D 14 1.07 25.64 -27.44
C GLY D 14 1.43 26.96 -26.78
N GLN D 15 2.54 26.99 -26.05
CA GLN D 15 2.95 28.20 -25.37
C GLN D 15 3.42 29.25 -26.36
N ASP D 16 3.83 28.79 -27.53
CA ASP D 16 4.30 29.68 -28.59
C ASP D 16 3.18 30.37 -29.37
N GLY D 17 1.94 30.14 -28.94
CA GLY D 17 0.82 30.73 -29.65
C GLY D 17 0.20 29.78 -30.66
N SER D 18 0.94 28.76 -31.07
CA SER D 18 0.41 27.80 -32.04
C SER D 18 -0.85 27.09 -31.54
N VAL D 19 -1.60 26.52 -32.48
CA VAL D 19 -2.82 25.78 -32.21
C VAL D 19 -3.00 24.71 -33.27
N VAL D 20 -2.88 23.45 -32.86
CA VAL D 20 -3.04 22.34 -33.77
C VAL D 20 -4.41 21.74 -33.51
N GLN D 21 -4.99 21.07 -34.51
CA GLN D 21 -6.30 20.48 -34.35
C GLN D 21 -6.30 18.98 -34.52
N PHE D 22 -7.17 18.31 -33.78
CA PHE D 22 -7.27 16.85 -33.82
C PHE D 22 -8.70 16.36 -33.87
N LYS D 23 -8.89 15.23 -34.52
CA LYS D 23 -10.21 14.64 -34.62
C LYS D 23 -10.10 13.28 -33.92
N ILE D 24 -10.86 13.07 -32.85
CA ILE D 24 -10.81 11.78 -32.15
C ILE D 24 -12.09 11.36 -31.46
N LYS D 25 -12.21 10.06 -31.26
CA LYS D 25 -13.38 9.47 -30.63
C LYS D 25 -13.39 9.69 -29.11
N ARG D 26 -14.58 9.98 -28.58
CA ARG D 26 -14.78 10.25 -27.16
C ARG D 26 -14.28 9.15 -26.22
N HIS D 27 -14.10 7.94 -26.73
CA HIS D 27 -13.63 6.86 -25.88
C HIS D 27 -12.26 6.34 -26.26
N THR D 28 -11.47 7.18 -26.92
CA THR D 28 -10.12 6.81 -27.33
C THR D 28 -9.15 7.45 -26.35
N PRO D 29 -8.27 6.66 -25.72
CA PRO D 29 -7.35 7.32 -24.79
C PRO D 29 -6.53 8.37 -25.53
N LEU D 30 -6.37 9.54 -24.90
CA LEU D 30 -5.65 10.67 -25.48
C LEU D 30 -4.17 10.46 -25.75
N SER D 31 -3.63 9.30 -25.41
CA SER D 31 -2.20 9.05 -25.61
C SER D 31 -1.80 9.14 -27.07
N LYS D 32 -2.71 8.77 -27.96
CA LYS D 32 -2.42 8.83 -29.39
C LYS D 32 -2.23 10.26 -29.85
N LEU D 33 -3.09 11.15 -29.36
CA LEU D 33 -3.01 12.56 -29.68
C LEU D 33 -1.77 13.20 -29.05
N MET D 34 -1.52 12.90 -27.79
CA MET D 34 -0.38 13.46 -27.12
C MET D 34 0.92 13.15 -27.83
N LYS D 35 1.08 11.91 -28.27
CA LYS D 35 2.29 11.52 -28.98
C LYS D 35 2.27 12.12 -30.38
N ALA D 36 1.10 12.11 -31.02
CA ALA D 36 1.01 12.70 -32.33
C ALA D 36 1.53 14.14 -32.22
N TYR D 37 0.89 14.93 -31.38
CA TYR D 37 1.29 16.33 -31.17
C TYR D 37 2.75 16.45 -30.78
N CYS D 38 3.20 15.58 -29.89
CA CYS D 38 4.58 15.59 -29.45
C CYS D 38 5.55 15.37 -30.62
N GLU D 39 5.19 14.50 -31.58
CA GLU D 39 6.04 14.27 -32.74
C GLU D 39 6.01 15.48 -33.67
N ARG D 40 4.82 15.88 -34.09
CA ARG D 40 4.69 17.00 -35.00
C ARG D 40 5.45 18.25 -34.57
N GLN D 41 5.46 18.55 -33.28
CA GLN D 41 6.13 19.76 -32.80
C GLN D 41 7.61 19.60 -32.47
N GLY D 42 8.11 18.39 -32.50
CA GLY D 42 9.51 18.15 -32.20
C GLY D 42 9.80 18.30 -30.73
N LEU D 43 8.88 17.82 -29.89
CA LEU D 43 9.01 17.91 -28.44
C LEU D 43 9.39 16.57 -27.81
N SER D 44 9.47 16.56 -26.49
CA SER D 44 9.80 15.37 -25.71
C SER D 44 8.71 15.17 -24.66
N MET D 45 7.99 14.06 -24.75
CA MET D 45 6.91 13.76 -23.80
C MET D 45 7.32 14.07 -22.37
N ARG D 46 8.51 13.63 -22.03
CA ARG D 46 9.05 13.81 -20.70
C ARG D 46 9.23 15.26 -20.29
N GLN D 47 9.34 16.16 -21.25
CA GLN D 47 9.55 17.57 -20.92
C GLN D 47 8.32 18.49 -21.11
N ILE D 48 7.13 17.91 -21.26
CA ILE D 48 5.94 18.71 -21.46
C ILE D 48 4.77 18.24 -20.58
N ARG D 49 3.75 19.09 -20.45
CA ARG D 49 2.60 18.77 -19.62
C ARG D 49 1.32 19.12 -20.34
N PHE D 50 0.44 18.14 -20.48
CA PHE D 50 -0.85 18.36 -21.12
C PHE D 50 -1.83 18.69 -20.01
N ARG D 51 -2.60 19.77 -20.19
CA ARG D 51 -3.54 20.22 -19.17
C ARG D 51 -4.89 20.62 -19.76
N PHE D 52 -5.97 20.26 -19.07
CA PHE D 52 -7.31 20.64 -19.50
C PHE D 52 -8.01 21.43 -18.38
N ASP D 53 -7.97 22.76 -18.50
CA ASP D 53 -8.51 23.67 -17.49
C ASP D 53 -7.63 23.59 -16.24
N GLY D 54 -6.32 23.50 -16.46
CA GLY D 54 -5.37 23.43 -15.38
C GLY D 54 -5.17 22.05 -14.77
N GLN D 55 -6.04 21.10 -15.12
CA GLN D 55 -5.92 19.76 -14.56
C GLN D 55 -5.14 18.84 -15.49
N PRO D 56 -4.25 18.03 -14.92
CA PRO D 56 -3.40 17.09 -15.66
C PRO D 56 -4.16 16.01 -16.45
N ILE D 57 -3.68 15.68 -17.64
CA ILE D 57 -4.31 14.67 -18.50
C ILE D 57 -3.37 13.47 -18.63
N ASN D 58 -3.87 12.27 -18.34
CA ASN D 58 -3.03 11.07 -18.44
C ASN D 58 -3.24 10.33 -19.73
N GLU D 59 -2.24 9.53 -20.11
CA GLU D 59 -2.29 8.79 -21.38
C GLU D 59 -3.54 7.98 -21.58
N THR D 60 -3.98 7.25 -20.55
CA THR D 60 -5.18 6.46 -20.69
C THR D 60 -6.48 7.29 -20.59
N ASP D 61 -6.38 8.56 -20.18
CA ASP D 61 -7.56 9.41 -20.10
C ASP D 61 -8.32 9.47 -21.41
N THR D 62 -9.63 9.51 -21.29
CA THR D 62 -10.53 9.54 -22.44
C THR D 62 -11.24 10.90 -22.49
N PRO D 63 -11.61 11.41 -23.68
CA PRO D 63 -12.30 12.71 -23.72
C PRO D 63 -13.60 12.66 -22.92
N ALA D 64 -14.34 11.56 -23.08
CA ALA D 64 -15.60 11.38 -22.36
C ALA D 64 -15.32 11.38 -20.85
N GLN D 65 -14.23 10.74 -20.43
CA GLN D 65 -13.89 10.74 -19.03
C GLN D 65 -13.67 12.18 -18.56
N LEU D 66 -12.86 12.91 -19.30
CA LEU D 66 -12.55 14.29 -18.96
C LEU D 66 -13.67 15.28 -19.27
N GLU D 67 -14.79 14.77 -19.78
CA GLU D 67 -15.94 15.61 -20.14
C GLU D 67 -15.57 16.70 -21.13
N MET D 68 -14.72 16.39 -22.09
CA MET D 68 -14.34 17.37 -23.09
C MET D 68 -15.47 17.43 -24.12
N GLU D 69 -15.65 18.60 -24.73
CA GLU D 69 -16.67 18.80 -25.75
C GLU D 69 -15.98 19.10 -27.06
N ASP D 70 -16.75 19.08 -28.15
CA ASP D 70 -16.21 19.39 -29.47
C ASP D 70 -15.66 20.83 -29.47
N GLU D 71 -14.48 21.00 -30.03
CA GLU D 71 -13.79 22.29 -30.13
C GLU D 71 -13.16 22.80 -28.82
N ASP D 72 -13.03 21.91 -27.84
CA ASP D 72 -12.41 22.27 -26.55
C ASP D 72 -10.90 22.43 -26.73
N THR D 73 -10.25 23.02 -25.74
CA THR D 73 -8.82 23.23 -25.84
C THR D 73 -7.94 22.65 -24.74
N ILE D 74 -6.92 21.91 -25.17
CA ILE D 74 -5.96 21.32 -24.27
C ILE D 74 -4.71 22.20 -24.29
N ASP D 75 -4.24 22.61 -23.10
CA ASP D 75 -3.04 23.42 -23.03
C ASP D 75 -1.81 22.56 -22.89
N VAL D 76 -0.70 23.03 -23.44
CA VAL D 76 0.56 22.29 -23.35
C VAL D 76 1.58 23.26 -22.79
N PHE D 77 2.31 22.80 -21.77
CA PHE D 77 3.34 23.63 -21.13
C PHE D 77 4.68 22.89 -21.10
N GLN D 78 5.77 23.65 -21.13
CA GLN D 78 7.08 23.07 -21.08
C GLN D 78 7.31 22.93 -19.58
N GLN D 79 8.15 21.99 -19.18
CA GLN D 79 8.43 21.78 -17.76
C GLN D 79 9.03 23.05 -17.19
N GLN D 80 8.96 23.19 -15.86
CA GLN D 80 9.52 24.37 -15.17
C GLN D 80 10.61 23.96 -14.19
N THR D 81 11.73 24.65 -14.25
CA THR D 81 12.82 24.38 -13.35
C THR D 81 13.20 25.71 -12.75
N GLY D 82 13.56 25.70 -11.47
CA GLY D 82 13.93 26.92 -10.80
C GLY D 82 15.24 26.86 -10.05
N GLY D 83 16.34 27.15 -10.76
CA GLY D 83 17.65 27.13 -10.16
C GLY D 83 18.70 27.62 -11.13
N VAL D 84 19.76 28.22 -10.60
CA VAL D 84 20.86 28.72 -11.42
C VAL D 84 22.16 28.01 -11.07
N PRO D 85 23.13 27.98 -12.01
CA PRO D 85 24.40 27.32 -11.71
C PRO D 85 25.14 28.10 -10.62
N GLU D 86 25.73 27.39 -9.66
CA GLU D 86 26.44 28.06 -8.59
C GLU D 86 27.79 28.57 -9.05
N SER D 87 28.01 29.87 -8.87
CA SER D 87 29.26 30.51 -9.25
C SER D 87 30.17 30.58 -8.02
N GLU E 10 14.48 13.08 14.80
CA GLU E 10 13.55 13.24 15.93
C GLU E 10 12.15 13.52 15.42
N LEU E 11 11.46 14.49 16.00
CA LEU E 11 10.08 14.71 15.55
C LEU E 11 9.71 16.11 15.08
N THR E 12 8.77 16.17 14.15
CA THR E 12 8.29 17.45 13.62
C THR E 12 7.44 18.06 14.71
N GLU E 13 7.36 19.38 14.75
CA GLU E 13 6.60 20.05 15.79
C GLU E 13 5.18 19.52 15.83
N ASP E 14 4.66 19.12 14.67
CA ASP E 14 3.31 18.58 14.56
C ASP E 14 3.14 17.25 15.30
N MET E 15 4.12 16.36 15.14
CA MET E 15 4.07 15.07 15.81
C MET E 15 4.20 15.32 17.31
N GLU E 16 5.19 16.12 17.67
CA GLU E 16 5.45 16.49 19.05
C GLU E 16 4.19 16.98 19.79
N LYS E 17 3.40 17.80 19.11
CA LYS E 17 2.17 18.34 19.69
C LYS E 17 1.17 17.22 19.88
N GLU E 18 0.99 16.42 18.83
CA GLU E 18 0.07 15.30 18.85
C GLU E 18 0.46 14.37 19.99
N ILE E 19 1.76 14.13 20.12
CA ILE E 19 2.29 13.26 21.17
C ILE E 19 1.97 13.82 22.53
N SER E 20 2.20 15.11 22.73
CA SER E 20 1.94 15.74 24.03
C SER E 20 0.46 15.82 24.39
N ASN E 21 -0.40 16.01 23.40
CA ASN E 21 -1.81 16.09 23.73
C ASN E 21 -2.27 14.72 24.20
N ALA E 22 -1.68 13.68 23.64
CA ALA E 22 -2.01 12.31 24.00
C ALA E 22 -1.60 12.04 25.44
N LEU E 23 -0.37 12.44 25.77
CA LEU E 23 0.18 12.27 27.12
C LEU E 23 -0.41 13.27 28.12
N GLY E 24 -0.85 14.41 27.61
CA GLY E 24 -1.40 15.44 28.47
C GLY E 24 -2.63 15.04 29.25
N HIS E 25 -3.12 16.00 30.04
CA HIS E 25 -4.31 15.81 30.87
C HIS E 25 -5.50 15.52 30.00
N GLY E 26 -6.52 14.92 30.60
CA GLY E 26 -7.72 14.60 29.88
C GLY E 26 -8.29 13.33 30.40
N PRO E 27 -9.51 12.97 29.94
CA PRO E 27 -10.18 11.75 30.38
C PRO E 27 -9.24 10.56 30.29
N GLN E 28 -8.98 9.94 31.43
CA GLN E 28 -8.10 8.78 31.52
C GLN E 28 -8.63 7.65 30.63
N ASP E 29 -9.94 7.58 30.45
CA ASP E 29 -10.54 6.53 29.64
C ASP E 29 -10.95 6.93 28.23
N GLU E 30 -10.42 8.04 27.75
CA GLU E 30 -10.72 8.49 26.39
C GLU E 30 -9.98 7.52 25.47
N ILE E 31 -10.69 6.97 24.49
CA ILE E 31 -10.08 6.04 23.54
C ILE E 31 -9.32 6.84 22.46
N LEU E 32 -8.01 6.59 22.32
CA LEU E 32 -7.20 7.30 21.33
C LEU E 32 -6.79 6.50 20.12
N SER E 33 -7.04 5.19 20.14
CA SER E 33 -6.66 4.31 19.03
C SER E 33 -7.32 2.95 19.16
N SER E 34 -7.81 2.40 18.05
CA SER E 34 -8.45 1.09 18.07
C SER E 34 -7.96 0.20 16.94
N ALA E 35 -7.63 -1.04 17.28
CA ALA E 35 -7.14 -2.02 16.30
C ALA E 35 -6.89 -3.36 16.98
N PHE E 36 -7.07 -4.45 16.25
CA PHE E 36 -6.79 -5.75 16.84
C PHE E 36 -7.64 -6.05 18.09
N LYS E 37 -8.86 -5.53 18.16
CA LYS E 37 -9.72 -5.74 19.33
C LYS E 37 -9.22 -5.03 20.59
N LEU E 38 -8.15 -4.25 20.48
CA LEU E 38 -7.62 -3.53 21.62
C LEU E 38 -8.09 -2.07 21.55
N ARG E 39 -8.07 -1.38 22.68
CA ARG E 39 -8.48 0.03 22.73
C ARG E 39 -7.56 0.76 23.68
N ILE E 40 -6.51 1.36 23.13
CA ILE E 40 -5.56 2.11 23.92
C ILE E 40 -6.22 3.40 24.36
N THR E 41 -6.25 3.62 25.67
CA THR E 41 -6.85 4.83 26.24
C THR E 41 -5.73 5.75 26.71
N ARG E 42 -6.10 7.00 27.02
CA ARG E 42 -5.14 7.98 27.50
C ARG E 42 -4.41 7.40 28.71
N GLY E 43 -5.18 6.69 29.53
CA GLY E 43 -4.61 6.04 30.70
C GLY E 43 -3.56 5.03 30.29
N ASP E 44 -3.86 4.24 29.25
CA ASP E 44 -2.92 3.24 28.78
C ASP E 44 -1.66 3.91 28.24
N ILE E 45 -1.86 4.77 27.25
CA ILE E 45 -0.77 5.47 26.57
C ILE E 45 0.14 6.24 27.52
N GLN E 46 -0.44 6.75 28.60
CA GLN E 46 0.34 7.52 29.57
C GLN E 46 1.48 6.72 30.18
N THR E 47 1.41 5.40 30.11
CA THR E 47 2.50 4.57 30.67
C THR E 47 3.76 4.80 29.87
N LEU E 48 3.63 5.51 28.76
CA LEU E 48 4.76 5.79 27.90
C LEU E 48 5.55 7.04 28.30
N LYS E 49 5.06 7.73 29.34
CA LYS E 49 5.72 8.94 29.88
C LYS E 49 7.05 8.49 30.44
N ASN E 50 8.05 9.35 30.37
CA ASN E 50 9.37 9.01 30.90
C ASN E 50 9.29 8.39 32.29
N TYR E 51 10.04 7.30 32.47
CA TYR E 51 10.09 6.58 33.74
C TYR E 51 8.86 5.75 34.12
N HIS E 52 7.76 5.86 33.37
CA HIS E 52 6.60 5.04 33.70
C HIS E 52 6.74 3.65 33.10
N TRP E 53 6.18 2.66 33.79
CA TRP E 53 6.25 1.27 33.33
C TRP E 53 5.20 0.96 32.30
N LEU E 54 5.59 0.30 31.21
CA LEU E 54 4.62 -0.02 30.19
C LEU E 54 3.67 -1.08 30.68
N ASN E 55 2.41 -0.95 30.32
CA ASN E 55 1.44 -1.95 30.73
C ASN E 55 1.24 -2.90 29.54
N ASP E 56 0.40 -3.91 29.71
CA ASP E 56 0.20 -4.89 28.66
C ASP E 56 -0.51 -4.38 27.40
N GLU E 57 -1.39 -3.38 27.56
CA GLU E 57 -2.08 -2.83 26.38
C GLU E 57 -1.05 -2.29 25.39
N VAL E 58 -0.25 -1.31 25.82
CA VAL E 58 0.77 -0.78 24.94
C VAL E 58 1.60 -1.89 24.33
N ILE E 59 2.07 -2.84 25.12
CA ILE E 59 2.89 -3.92 24.58
C ILE E 59 2.16 -4.80 23.54
N ASN E 60 0.96 -5.26 23.88
CA ASN E 60 0.22 -6.11 22.96
C ASN E 60 -0.12 -5.40 21.66
N PHE E 61 -0.41 -4.10 21.76
CA PHE E 61 -0.76 -3.29 20.61
C PHE E 61 0.45 -3.13 19.69
N TYR E 62 1.57 -2.74 20.25
CA TYR E 62 2.76 -2.54 19.45
C TYR E 62 3.20 -3.82 18.78
N MET E 63 3.05 -4.92 19.50
CA MET E 63 3.48 -6.20 18.98
C MET E 63 2.66 -6.49 17.72
N ASN E 64 1.37 -6.24 17.81
CA ASN E 64 0.48 -6.46 16.69
C ASN E 64 0.80 -5.56 15.52
N LEU E 65 1.39 -4.41 15.79
CA LEU E 65 1.73 -3.50 14.72
C LEU E 65 2.94 -4.03 13.96
N LEU E 66 3.78 -4.81 14.65
CA LEU E 66 4.98 -5.36 14.02
C LEU E 66 4.57 -6.40 13.01
N VAL E 67 3.44 -7.04 13.27
CA VAL E 67 2.96 -8.05 12.39
C VAL E 67 2.44 -7.38 11.11
N GLU E 68 1.66 -6.31 11.27
CA GLU E 68 1.15 -5.66 10.07
C GLU E 68 2.29 -4.98 9.34
N ARG E 69 3.22 -4.42 10.11
CA ARG E 69 4.36 -3.77 9.50
C ARG E 69 5.12 -4.78 8.65
N ASN E 70 5.45 -5.93 9.21
CA ASN E 70 6.19 -6.92 8.44
C ASN E 70 5.42 -7.38 7.21
N LYS E 71 4.11 -7.50 7.33
CA LYS E 71 3.32 -7.95 6.21
C LYS E 71 3.34 -6.98 5.05
N LYS E 72 3.12 -5.69 5.30
CA LYS E 72 3.11 -4.79 4.17
C LYS E 72 4.46 -4.38 3.64
N GLN E 73 5.51 -4.50 4.45
CA GLN E 73 6.84 -4.13 3.96
C GLN E 73 7.65 -5.32 3.45
N GLY E 74 7.00 -6.48 3.36
CA GLY E 74 7.67 -7.66 2.85
C GLY E 74 8.62 -8.39 3.78
N TYR E 75 8.64 -8.04 5.06
CA TYR E 75 9.52 -8.71 6.00
C TYR E 75 9.03 -10.13 6.38
N PRO E 76 9.87 -10.92 7.09
CA PRO E 76 9.57 -12.29 7.52
C PRO E 76 8.22 -12.44 8.19
N ALA E 77 7.50 -13.52 7.84
CA ALA E 77 6.17 -13.79 8.37
C ALA E 77 6.33 -13.89 9.88
N LEU E 78 5.65 -13.00 10.58
CA LEU E 78 5.79 -12.93 12.03
C LEU E 78 4.53 -13.30 12.78
N HIS E 79 4.66 -14.10 13.84
CA HIS E 79 3.50 -14.42 14.65
C HIS E 79 3.79 -13.88 16.04
N VAL E 80 2.76 -13.31 16.65
CA VAL E 80 2.91 -12.70 17.94
C VAL E 80 1.91 -13.22 18.99
N PHE E 81 2.45 -13.78 20.07
CA PHE E 81 1.61 -14.27 21.15
C PHE E 81 1.24 -13.13 22.10
N SER E 82 0.13 -13.29 22.79
CA SER E 82 -0.36 -12.30 23.72
C SER E 82 0.53 -12.25 24.97
N THR E 83 0.55 -11.11 25.66
CA THR E 83 1.37 -11.03 26.87
C THR E 83 0.85 -12.01 27.93
N PHE E 84 -0.42 -12.41 27.83
CA PHE E 84 -1.01 -13.34 28.79
C PHE E 84 -0.79 -14.79 28.44
N PHE E 85 -0.08 -15.04 27.34
CA PHE E 85 0.16 -16.41 26.89
C PHE E 85 1.09 -17.24 27.79
N TYR E 86 2.29 -16.73 28.05
CA TYR E 86 3.25 -17.45 28.88
C TYR E 86 2.75 -17.80 30.28
N PRO E 87 2.16 -16.83 30.98
CA PRO E 87 1.60 -16.99 32.33
C PRO E 87 0.50 -18.04 32.41
N LYS E 88 -0.20 -18.23 31.29
CA LYS E 88 -1.29 -19.17 31.23
C LYS E 88 -0.74 -20.56 30.92
N LEU E 89 0.33 -20.58 30.14
CA LEU E 89 0.97 -21.82 29.76
C LEU E 89 1.77 -22.40 30.91
N LYS E 90 2.37 -21.54 31.70
CA LYS E 90 3.19 -22.00 32.82
C LYS E 90 2.38 -22.60 33.94
N SER E 91 1.17 -22.08 34.11
CA SER E 91 0.28 -22.54 35.18
C SER E 91 -0.85 -23.47 34.72
N GLY E 92 -1.09 -23.55 33.44
CA GLY E 92 -2.18 -24.39 32.98
C GLY E 92 -1.84 -25.50 32.01
N GLY E 93 -0.63 -25.48 31.45
CA GLY E 93 -0.24 -26.50 30.50
C GLY E 93 -0.89 -26.30 29.13
N TYR E 94 -0.34 -26.97 28.12
CA TYR E 94 -0.82 -26.89 26.76
C TYR E 94 -2.35 -26.90 26.61
N GLN E 95 -3.02 -27.76 27.37
CA GLN E 95 -4.47 -27.83 27.25
C GLN E 95 -5.09 -26.47 27.51
N ALA E 96 -4.42 -25.68 28.36
CA ALA E 96 -4.92 -24.36 28.71
C ALA E 96 -4.79 -23.34 27.57
N VAL E 97 -3.84 -23.57 26.66
CA VAL E 97 -3.65 -22.62 25.56
C VAL E 97 -3.72 -23.20 24.16
N LYS E 98 -4.14 -24.45 24.00
CA LYS E 98 -4.16 -25.03 22.66
C LYS E 98 -5.05 -24.28 21.66
N ARG E 99 -6.14 -23.68 22.17
CA ARG E 99 -7.04 -22.92 21.32
C ARG E 99 -6.56 -21.50 21.04
N TRP E 100 -5.49 -21.08 21.72
CA TRP E 100 -4.97 -19.73 21.53
C TRP E 100 -4.40 -19.47 20.14
N THR E 101 -4.21 -20.54 19.36
CA THR E 101 -3.72 -20.42 18.01
C THR E 101 -4.78 -20.95 17.06
N LYS E 102 -6.04 -20.93 17.49
CA LYS E 102 -7.14 -21.40 16.67
C LYS E 102 -7.09 -20.68 15.33
N GLY E 103 -7.24 -21.43 14.24
CA GLY E 103 -7.22 -20.83 12.92
C GLY E 103 -5.90 -20.27 12.44
N VAL E 104 -4.78 -20.80 12.89
CA VAL E 104 -3.48 -20.32 12.42
C VAL E 104 -2.42 -21.42 12.54
N ASN E 105 -1.68 -21.65 11.45
CA ASN E 105 -0.63 -22.64 11.47
C ASN E 105 0.66 -21.96 11.89
N LEU E 106 1.02 -22.15 13.16
CA LEU E 106 2.23 -21.58 13.72
C LEU E 106 3.43 -21.81 12.85
N PHE E 107 3.57 -23.04 12.36
CA PHE E 107 4.71 -23.41 11.56
C PHE E 107 4.79 -22.86 10.15
N GLU E 108 3.80 -22.09 9.73
CA GLU E 108 3.89 -21.48 8.42
C GLU E 108 4.64 -20.16 8.57
N GLN E 109 4.77 -19.69 9.81
CA GLN E 109 5.47 -18.42 10.09
C GLN E 109 6.96 -18.63 10.10
N GLU E 110 7.69 -17.54 10.24
CA GLU E 110 9.14 -17.64 10.23
C GLU E 110 9.73 -17.22 11.57
N ILE E 111 9.05 -16.31 12.24
CA ILE E 111 9.52 -15.79 13.50
C ILE E 111 8.34 -15.63 14.47
N ILE E 112 8.49 -16.18 15.67
CA ILE E 112 7.46 -16.08 16.68
C ILE E 112 8.03 -15.28 17.84
N LEU E 113 7.24 -14.36 18.37
CA LEU E 113 7.68 -13.52 19.47
C LEU E 113 6.77 -13.78 20.65
N VAL E 114 7.39 -14.02 21.80
CA VAL E 114 6.65 -14.24 23.02
C VAL E 114 7.07 -13.29 24.14
N PRO E 115 6.25 -12.27 24.40
CA PRO E 115 6.53 -11.30 25.45
C PRO E 115 6.42 -12.07 26.76
N ILE E 116 7.37 -11.84 27.65
CA ILE E 116 7.41 -12.49 28.95
C ILE E 116 7.23 -11.45 30.04
N HIS E 117 6.29 -11.68 30.94
CA HIS E 117 6.05 -10.76 32.03
C HIS E 117 6.36 -11.36 33.38
N ARG E 118 7.39 -10.82 34.03
CA ARG E 118 7.77 -11.29 35.36
C ARG E 118 7.01 -10.30 36.23
N LYS E 119 7.15 -10.33 37.55
CA LYS E 119 6.35 -9.40 38.35
C LYS E 119 6.58 -7.91 38.00
N VAL E 120 7.84 -7.53 37.82
CA VAL E 120 8.17 -6.14 37.56
C VAL E 120 9.02 -5.82 36.34
N HIS E 121 9.10 -6.71 35.36
CA HIS E 121 9.91 -6.37 34.22
C HIS E 121 9.61 -7.20 32.97
N TRP E 122 9.57 -6.52 31.84
CA TRP E 122 9.27 -7.17 30.58
C TRP E 122 10.49 -7.79 29.99
N SER E 123 10.26 -8.97 29.39
CA SER E 123 11.30 -9.76 28.79
C SER E 123 10.79 -10.36 27.47
N LEU E 124 11.67 -10.95 26.66
CA LEU E 124 11.24 -11.49 25.38
C LEU E 124 11.90 -12.78 24.90
N VAL E 125 11.12 -13.60 24.23
CA VAL E 125 11.61 -14.83 23.64
C VAL E 125 11.37 -14.75 22.15
N VAL E 126 12.37 -15.13 21.37
CA VAL E 126 12.27 -15.13 19.94
C VAL E 126 12.47 -16.54 19.44
N ILE E 127 11.48 -17.08 18.74
CA ILE E 127 11.60 -18.42 18.19
C ILE E 127 11.68 -18.24 16.67
N ASP E 128 12.84 -18.54 16.10
CA ASP E 128 13.05 -18.43 14.66
C ASP E 128 12.93 -19.80 14.03
N LEU E 129 11.76 -20.09 13.46
CA LEU E 129 11.54 -21.38 12.85
C LEU E 129 12.41 -21.63 11.62
N ARG E 130 13.06 -20.58 11.11
CA ARG E 130 13.89 -20.75 9.92
C ARG E 130 15.20 -21.47 10.24
N LYS E 131 15.60 -21.43 11.50
CA LYS E 131 16.82 -22.10 11.93
C LYS E 131 16.59 -22.87 13.22
N LYS E 132 15.33 -23.08 13.55
CA LYS E 132 14.92 -23.82 14.73
C LYS E 132 15.69 -23.44 15.98
N CYS E 133 15.70 -22.16 16.33
CA CYS E 133 16.41 -21.76 17.54
C CYS E 133 15.57 -20.81 18.37
N LEU E 134 15.67 -20.90 19.70
CA LEU E 134 14.95 -20.00 20.58
C LEU E 134 15.97 -19.03 21.08
N LYS E 135 15.54 -17.85 21.51
CA LYS E 135 16.50 -16.87 21.98
C LYS E 135 15.84 -16.02 23.04
N TYR E 136 16.50 -15.88 24.17
CA TYR E 136 15.91 -15.08 25.24
C TYR E 136 16.62 -13.76 25.40
N LEU E 137 15.89 -12.68 25.20
CA LEU E 137 16.45 -11.34 25.33
C LEU E 137 15.89 -10.65 26.56
N ASP E 138 16.79 -10.26 27.46
CA ASP E 138 16.41 -9.56 28.68
C ASP E 138 17.28 -8.34 28.80
N SER E 139 16.67 -7.19 29.08
CA SER E 139 17.43 -5.95 29.20
C SER E 139 18.05 -5.85 30.58
N MET E 140 17.59 -6.70 31.48
CA MET E 140 18.09 -6.72 32.84
C MET E 140 19.09 -7.86 32.99
N GLY E 141 19.77 -8.21 31.90
CA GLY E 141 20.77 -9.26 31.90
C GLY E 141 20.41 -10.70 32.27
N GLN E 142 19.30 -10.91 32.97
CA GLN E 142 18.90 -12.26 33.40
C GLN E 142 18.97 -13.37 32.35
N LYS E 143 18.90 -14.60 32.83
CA LYS E 143 18.94 -15.80 31.99
C LYS E 143 17.53 -16.36 31.88
N GLY E 144 17.19 -16.97 30.75
CA GLY E 144 15.84 -17.49 30.60
C GLY E 144 15.86 -18.91 30.10
N HIS E 145 16.81 -19.69 30.61
CA HIS E 145 16.95 -21.06 30.19
C HIS E 145 15.69 -21.92 30.34
N ARG E 146 14.95 -21.75 31.44
CA ARG E 146 13.76 -22.55 31.62
C ARG E 146 12.54 -22.02 30.90
N ILE E 147 12.58 -20.75 30.53
CA ILE E 147 11.48 -20.12 29.79
C ILE E 147 11.48 -20.71 28.37
N CYS E 148 12.68 -20.88 27.82
CA CYS E 148 12.83 -21.45 26.49
C CYS E 148 12.42 -22.90 26.42
N GLU E 149 12.70 -23.69 27.46
CA GLU E 149 12.34 -25.11 27.45
C GLU E 149 10.83 -25.30 27.50
N ILE E 150 10.18 -24.54 28.38
CA ILE E 150 8.74 -24.60 28.53
C ILE E 150 8.07 -24.27 27.19
N LEU E 151 8.58 -23.24 26.50
CA LEU E 151 8.03 -22.85 25.21
C LEU E 151 8.34 -23.89 24.10
N LEU E 152 9.54 -24.48 24.12
CA LEU E 152 9.89 -25.48 23.10
C LEU E 152 9.08 -26.75 23.27
N GLN E 153 8.67 -27.02 24.51
CA GLN E 153 7.84 -28.19 24.80
C GLN E 153 6.46 -27.87 24.24
N TYR E 154 6.10 -26.59 24.36
CA TYR E 154 4.84 -26.08 23.87
C TYR E 154 4.74 -26.27 22.36
N LEU E 155 5.83 -26.00 21.65
CA LEU E 155 5.85 -26.14 20.21
C LEU E 155 5.65 -27.60 19.86
N GLN E 156 6.26 -28.44 20.67
CA GLN E 156 6.19 -29.88 20.50
C GLN E 156 4.73 -30.34 20.61
N ASP E 157 4.06 -29.97 21.68
CA ASP E 157 2.65 -30.34 21.87
C ASP E 157 1.76 -29.72 20.81
N GLU E 158 2.16 -28.55 20.31
CA GLU E 158 1.40 -27.86 19.28
C GLU E 158 1.50 -28.60 17.95
N SER E 159 2.73 -28.91 17.56
CA SER E 159 2.98 -29.60 16.32
C SER E 159 2.31 -30.96 16.30
N LYS E 160 2.39 -31.67 17.41
CA LYS E 160 1.82 -32.99 17.52
C LYS E 160 0.31 -32.93 17.39
N THR E 161 -0.31 -31.99 18.11
CA THR E 161 -1.75 -31.80 18.11
C THR E 161 -2.33 -31.23 16.80
N LYS E 162 -1.67 -30.19 16.28
CA LYS E 162 -2.13 -29.51 15.08
C LYS E 162 -1.63 -30.03 13.76
N ARG E 163 -0.47 -30.68 13.73
CA ARG E 163 0.09 -31.19 12.48
C ARG E 163 0.14 -32.70 12.48
N ASN E 164 0.07 -33.25 13.70
CA ASN E 164 0.15 -34.67 13.93
C ASN E 164 1.54 -35.16 13.53
N SER E 165 2.57 -34.42 13.93
CA SER E 165 3.95 -34.79 13.66
C SER E 165 4.76 -34.24 14.80
N ASP E 166 5.87 -34.89 15.11
CA ASP E 166 6.71 -34.44 16.23
C ASP E 166 7.94 -33.70 15.76
N LEU E 167 8.55 -33.00 16.71
CA LEU E 167 9.77 -32.24 16.48
C LEU E 167 10.95 -33.06 16.94
N ASN E 168 12.08 -32.99 16.24
CA ASN E 168 13.27 -33.69 16.71
C ASN E 168 13.98 -32.66 17.57
N LEU E 169 13.72 -32.69 18.88
CA LEU E 169 14.33 -31.73 19.79
C LEU E 169 15.85 -31.57 19.65
N LEU E 170 16.47 -32.48 18.92
CA LEU E 170 17.90 -32.42 18.68
C LEU E 170 18.24 -31.31 17.71
N GLU E 171 17.32 -31.01 16.80
CA GLU E 171 17.56 -29.97 15.80
C GLU E 171 17.34 -28.56 16.30
N TRP E 172 16.86 -28.43 17.54
CA TRP E 172 16.60 -27.11 18.11
C TRP E 172 17.70 -26.68 19.07
N THR E 173 17.95 -25.38 19.11
CA THR E 173 19.00 -24.81 19.93
C THR E 173 18.51 -23.62 20.78
N HIS E 174 19.24 -23.33 21.86
CA HIS E 174 18.90 -22.21 22.75
C HIS E 174 20.11 -21.30 22.87
N HIS E 175 19.89 -20.00 22.79
CA HIS E 175 20.96 -19.01 22.89
C HIS E 175 20.47 -17.93 23.85
N SER E 176 21.14 -17.72 24.98
CA SER E 176 20.71 -16.68 25.92
C SER E 176 21.74 -15.55 25.90
N MET E 177 21.56 -14.63 24.96
CA MET E 177 22.45 -13.48 24.76
C MET E 177 23.08 -12.92 26.04
N LYS E 178 24.42 -12.83 26.06
CA LYS E 178 25.17 -12.28 27.19
C LYS E 178 24.96 -10.77 27.32
N PRO E 179 25.12 -10.22 28.54
CA PRO E 179 24.95 -8.80 28.85
C PRO E 179 25.61 -7.75 27.93
N HIS E 180 26.70 -8.11 27.26
CA HIS E 180 27.38 -7.16 26.37
C HIS E 180 26.95 -7.34 24.92
N GLU E 181 26.10 -8.34 24.68
CA GLU E 181 25.61 -8.63 23.33
C GLU E 181 24.41 -7.76 22.99
N ILE E 182 23.54 -7.55 23.97
CA ILE E 182 22.35 -6.71 23.78
C ILE E 182 22.44 -5.50 24.71
N PRO E 183 22.02 -4.33 24.22
CA PRO E 183 22.10 -3.16 25.09
C PRO E 183 21.27 -3.36 26.35
N GLN E 184 21.93 -3.26 27.50
CA GLN E 184 21.25 -3.42 28.78
C GLN E 184 20.65 -2.07 29.16
N GLN E 185 19.66 -2.09 30.05
CA GLN E 185 19.04 -0.84 30.49
C GLN E 185 19.74 -0.35 31.74
N LEU E 186 19.55 0.92 32.07
CA LEU E 186 20.20 1.51 33.23
C LEU E 186 19.18 2.19 34.16
N ASN E 187 18.03 1.54 34.33
CA ASN E 187 16.97 2.05 35.20
C ASN E 187 15.86 1.00 35.32
N GLY E 188 14.86 1.28 36.16
CA GLY E 188 13.79 0.32 36.36
C GLY E 188 12.45 0.58 35.70
N SER E 189 12.46 1.22 34.53
CA SER E 189 11.21 1.49 33.85
C SER E 189 11.22 1.21 32.35
N ASP E 190 12.40 1.00 31.77
CA ASP E 190 12.49 0.76 30.33
C ASP E 190 12.59 -0.70 29.84
N SER E 191 12.20 -1.67 30.66
CA SER E 191 12.28 -3.06 30.21
C SER E 191 11.21 -3.25 29.13
N GLY E 192 10.04 -2.65 29.37
CA GLY E 192 8.95 -2.72 28.42
C GLY E 192 9.42 -2.18 27.09
N MET E 193 10.17 -1.07 27.14
CA MET E 193 10.69 -0.43 25.95
C MET E 193 11.76 -1.26 25.25
N PHE E 194 12.60 -1.94 26.01
CA PHE E 194 13.61 -2.77 25.37
C PHE E 194 12.95 -3.97 24.69
N THR E 195 11.93 -4.54 25.33
CA THR E 195 11.26 -5.69 24.76
C THR E 195 10.76 -5.34 23.36
N CYS E 196 10.03 -4.24 23.27
CA CYS E 196 9.48 -3.78 22.01
C CYS E 196 10.53 -3.52 20.94
N LYS E 197 11.61 -2.82 21.30
CA LYS E 197 12.66 -2.52 20.32
C LYS E 197 13.42 -3.76 19.90
N TYR E 198 13.53 -4.73 20.82
CA TYR E 198 14.21 -5.98 20.51
C TYR E 198 13.39 -6.69 19.45
N ALA E 199 12.08 -6.69 19.65
CA ALA E 199 11.14 -7.34 18.75
C ALA E 199 11.21 -6.69 17.37
N ASP E 200 11.29 -5.36 17.37
CA ASP E 200 11.37 -4.56 16.16
C ASP E 200 12.54 -4.95 15.29
N TYR E 201 13.74 -4.97 15.86
CA TYR E 201 14.91 -5.33 15.06
C TYR E 201 14.92 -6.81 14.70
N ILE E 202 14.67 -7.67 15.69
CA ILE E 202 14.66 -9.11 15.42
C ILE E 202 13.65 -9.46 14.30
N SER E 203 12.47 -8.84 14.35
CA SER E 203 11.44 -9.11 13.34
C SER E 203 11.88 -8.71 11.93
N ARG E 204 12.95 -7.94 11.81
CA ARG E 204 13.47 -7.49 10.52
C ARG E 204 14.88 -8.03 10.22
N ASP E 205 15.31 -9.05 10.95
CA ASP E 205 16.66 -9.62 10.80
C ASP E 205 17.72 -8.53 10.89
N LYS E 206 17.44 -7.52 11.71
CA LYS E 206 18.35 -6.40 11.87
C LYS E 206 19.03 -6.44 13.22
N PRO E 207 20.36 -6.34 13.25
CA PRO E 207 21.11 -6.37 14.51
C PRO E 207 20.76 -5.24 15.49
N ILE E 208 20.61 -5.60 16.76
CA ILE E 208 20.30 -4.61 17.79
C ILE E 208 21.47 -3.63 17.87
N THR E 209 21.17 -2.35 17.74
CA THR E 209 22.22 -1.34 17.79
C THR E 209 21.83 -0.13 18.59
N PHE E 210 20.59 -0.08 19.06
CA PHE E 210 20.18 1.06 19.85
C PHE E 210 20.80 0.88 21.23
N THR E 211 20.69 1.91 22.06
CA THR E 211 21.24 1.86 23.40
C THR E 211 20.26 2.53 24.33
N GLN E 212 20.57 2.51 25.63
CA GLN E 212 19.69 3.12 26.62
C GLN E 212 19.43 4.59 26.31
N HIS E 213 20.36 5.21 25.62
CA HIS E 213 20.21 6.61 25.30
C HIS E 213 19.05 6.93 24.36
N GLN E 214 18.66 5.97 23.54
CA GLN E 214 17.57 6.18 22.61
C GLN E 214 16.17 6.05 23.19
N MET E 215 16.07 5.41 24.35
CA MET E 215 14.78 5.18 24.99
C MET E 215 13.85 6.39 25.13
N PRO E 216 14.38 7.53 25.58
CA PRO E 216 13.51 8.71 25.72
C PRO E 216 12.80 9.07 24.39
N LEU E 217 13.54 8.99 23.28
CA LEU E 217 13.00 9.29 21.96
C LEU E 217 12.00 8.21 21.55
N PHE E 218 12.43 6.95 21.67
CA PHE E 218 11.59 5.79 21.34
C PHE E 218 10.25 5.90 22.04
N ARG E 219 10.25 6.35 23.28
CA ARG E 219 9.00 6.48 24.01
C ARG E 219 8.04 7.39 23.30
N LYS E 220 8.53 8.54 22.87
CA LYS E 220 7.68 9.48 22.18
C LYS E 220 7.32 8.96 20.79
N LYS E 221 8.29 8.38 20.08
CA LYS E 221 8.01 7.88 18.76
C LYS E 221 6.90 6.84 18.84
N MET E 222 6.94 6.02 19.88
CA MET E 222 5.94 4.99 20.03
C MET E 222 4.53 5.50 20.28
N VAL E 223 4.39 6.59 21.03
CA VAL E 223 3.03 7.08 21.23
C VAL E 223 2.52 7.56 19.86
N TRP E 224 3.40 8.15 19.05
CA TRP E 224 2.98 8.61 17.73
C TRP E 224 2.59 7.38 16.94
N GLU E 225 3.48 6.39 16.93
CA GLU E 225 3.24 5.15 16.19
C GLU E 225 1.97 4.41 16.62
N ILE E 226 1.57 4.53 17.87
CA ILE E 226 0.36 3.86 18.30
C ILE E 226 -0.88 4.63 17.85
N LEU E 227 -0.79 5.96 17.88
CA LEU E 227 -1.91 6.80 17.46
C LEU E 227 -2.23 6.61 15.98
N HIS E 228 -1.19 6.64 15.14
CA HIS E 228 -1.36 6.49 13.71
C HIS E 228 -1.41 5.05 13.22
N GLN E 229 -1.21 4.11 14.14
CA GLN E 229 -1.21 2.70 13.80
C GLN E 229 -0.32 2.47 12.61
N GLN E 230 0.87 3.07 12.68
CA GLN E 230 1.85 2.99 11.63
C GLN E 230 3.25 3.09 12.21
N LEU E 231 4.14 2.19 11.82
CA LEU E 231 5.50 2.24 12.34
C LEU E 231 6.48 2.95 11.40
N LEU E 232 7.49 3.57 12.00
CA LEU E 232 8.50 4.31 11.23
C LEU E 232 9.91 3.66 11.19
N ASP F 6 -31.06 -18.15 22.01
CA ASP F 6 -31.16 -19.40 22.82
C ASP F 6 -30.55 -19.22 24.20
N HIS F 7 -30.00 -20.28 24.80
CA HIS F 7 -29.39 -20.19 26.13
C HIS F 7 -28.14 -21.06 26.29
N ILE F 8 -27.16 -20.55 27.06
CA ILE F 8 -25.90 -21.27 27.26
C ILE F 8 -25.24 -20.92 28.59
N ASN F 9 -24.50 -21.88 29.15
CA ASN F 9 -23.80 -21.67 30.41
C ASN F 9 -22.29 -21.49 30.22
N LEU F 10 -21.78 -20.33 30.63
CA LEU F 10 -20.36 -20.01 30.52
C LEU F 10 -19.68 -19.98 31.88
N LYS F 11 -18.40 -20.32 31.91
CA LYS F 11 -17.62 -20.28 33.13
C LYS F 11 -16.63 -19.14 32.99
N VAL F 12 -16.41 -18.39 34.06
CA VAL F 12 -15.50 -17.26 34.01
C VAL F 12 -14.44 -17.40 35.12
N ALA F 13 -13.22 -17.80 34.73
CA ALA F 13 -12.15 -18.03 35.67
C ALA F 13 -11.17 -16.88 35.92
N GLY F 14 -11.08 -16.50 37.20
CA GLY F 14 -10.16 -15.44 37.60
C GLY F 14 -8.81 -16.06 37.91
N GLN F 15 -7.79 -15.22 38.05
CA GLN F 15 -6.44 -15.70 38.34
C GLN F 15 -6.26 -16.23 39.76
N ASP F 16 -7.27 -16.00 40.60
CA ASP F 16 -7.26 -16.45 41.99
C ASP F 16 -7.86 -17.85 42.11
N GLY F 17 -8.25 -18.42 40.96
CA GLY F 17 -8.82 -19.75 40.96
C GLY F 17 -10.34 -19.76 41.00
N SER F 18 -10.96 -18.60 41.17
CA SER F 18 -12.42 -18.55 41.21
C SER F 18 -13.01 -18.81 39.83
N VAL F 19 -14.10 -19.58 39.81
CA VAL F 19 -14.76 -19.93 38.57
C VAL F 19 -16.25 -19.69 38.67
N VAL F 20 -16.67 -18.45 38.50
CA VAL F 20 -18.09 -18.08 38.56
C VAL F 20 -18.80 -18.54 37.31
N GLN F 21 -20.09 -18.83 37.42
CA GLN F 21 -20.85 -19.29 36.27
C GLN F 21 -22.02 -18.38 35.93
N PHE F 22 -22.21 -18.16 34.63
CA PHE F 22 -23.29 -17.33 34.13
C PHE F 22 -24.09 -18.10 33.09
N LYS F 23 -25.18 -17.50 32.63
CA LYS F 23 -26.03 -18.11 31.62
C LYS F 23 -26.68 -17.00 30.80
N ILE F 24 -26.21 -16.81 29.58
CA ILE F 24 -26.75 -15.77 28.71
C ILE F 24 -27.26 -16.39 27.41
N LYS F 25 -27.89 -15.57 26.58
CA LYS F 25 -28.42 -16.06 25.31
C LYS F 25 -27.34 -15.98 24.24
N ARG F 26 -27.30 -17.00 23.40
CA ARG F 26 -26.32 -17.10 22.33
C ARG F 26 -26.18 -15.81 21.50
N HIS F 27 -27.22 -15.01 21.42
CA HIS F 27 -27.15 -13.78 20.63
C HIS F 27 -27.13 -12.50 21.46
N THR F 28 -26.70 -12.60 22.71
CA THR F 28 -26.65 -11.45 23.60
C THR F 28 -25.25 -10.88 23.74
N PRO F 29 -25.05 -9.61 23.38
CA PRO F 29 -23.70 -9.04 23.51
C PRO F 29 -23.15 -9.27 24.92
N LEU F 30 -21.94 -9.80 25.00
CA LEU F 30 -21.30 -10.12 26.28
C LEU F 30 -21.03 -8.93 27.19
N SER F 31 -21.39 -7.74 26.74
CA SER F 31 -21.18 -6.53 27.53
C SER F 31 -21.81 -6.61 28.92
N LYS F 32 -23.08 -6.98 28.98
CA LYS F 32 -23.78 -7.08 30.24
C LYS F 32 -23.14 -8.10 31.17
N LEU F 33 -22.80 -9.27 30.63
CA LEU F 33 -22.17 -10.31 31.43
C LEU F 33 -20.83 -9.84 31.98
N MET F 34 -20.10 -9.04 31.22
CA MET F 34 -18.80 -8.54 31.68
C MET F 34 -18.94 -7.50 32.80
N LYS F 35 -19.87 -6.56 32.64
CA LYS F 35 -20.08 -5.56 33.66
C LYS F 35 -20.60 -6.32 34.88
N ALA F 36 -21.46 -7.30 34.61
CA ALA F 36 -22.03 -8.15 35.66
C ALA F 36 -20.89 -8.76 36.50
N TYR F 37 -20.16 -9.70 35.91
CA TYR F 37 -19.05 -10.36 36.58
C TYR F 37 -18.23 -9.35 37.40
N CYS F 38 -17.89 -8.23 36.79
CA CYS F 38 -17.11 -7.18 37.43
C CYS F 38 -17.71 -6.75 38.78
N GLU F 39 -19.01 -6.46 38.79
CA GLU F 39 -19.72 -6.05 40.01
C GLU F 39 -19.79 -7.24 40.96
N ARG F 40 -20.44 -8.30 40.51
CA ARG F 40 -20.65 -9.52 41.29
C ARG F 40 -19.35 -10.12 41.81
N GLN F 41 -18.26 -9.37 41.73
CA GLN F 41 -16.95 -9.82 42.20
C GLN F 41 -16.13 -8.65 42.73
N GLY F 42 -16.71 -7.45 42.64
CA GLY F 42 -16.05 -6.26 43.11
C GLY F 42 -14.71 -6.01 42.45
N LEU F 43 -14.76 -5.54 41.20
CA LEU F 43 -13.56 -5.28 40.43
C LEU F 43 -13.55 -3.99 39.63
N SER F 44 -12.38 -3.68 39.10
CA SER F 44 -12.14 -2.48 38.30
C SER F 44 -12.00 -2.85 36.82
N MET F 45 -12.92 -2.39 35.99
CA MET F 45 -12.87 -2.70 34.57
C MET F 45 -11.53 -2.33 33.96
N ARG F 46 -10.92 -1.28 34.48
CA ARG F 46 -9.63 -0.83 33.98
C ARG F 46 -8.49 -1.79 34.32
N GLN F 47 -8.59 -2.44 35.47
CA GLN F 47 -7.55 -3.38 35.95
C GLN F 47 -7.62 -4.77 35.37
N ILE F 48 -8.81 -5.22 34.98
CA ILE F 48 -8.90 -6.57 34.43
C ILE F 48 -9.12 -6.62 32.92
N ARG F 49 -8.81 -7.79 32.36
CA ARG F 49 -8.90 -8.05 30.93
C ARG F 49 -9.63 -9.38 30.65
N PHE F 50 -10.63 -9.33 29.79
CA PHE F 50 -11.37 -10.54 29.43
C PHE F 50 -10.85 -11.13 28.11
N ARG F 51 -10.60 -12.43 28.15
CA ARG F 51 -10.09 -13.14 26.99
C ARG F 51 -10.83 -14.46 26.76
N PHE F 52 -11.08 -14.76 25.51
CA PHE F 52 -11.68 -16.02 25.15
C PHE F 52 -10.70 -16.61 24.14
N ASP F 53 -10.14 -17.76 24.48
CA ASP F 53 -9.12 -18.42 23.65
C ASP F 53 -7.99 -17.43 23.36
N GLY F 54 -7.67 -16.60 24.35
CA GLY F 54 -6.60 -15.63 24.19
C GLY F 54 -6.92 -14.33 23.48
N GLN F 55 -8.07 -14.23 22.84
CA GLN F 55 -8.40 -12.99 22.12
C GLN F 55 -9.33 -12.07 22.91
N PRO F 56 -9.06 -10.76 22.86
CA PRO F 56 -9.89 -9.81 23.60
C PRO F 56 -11.36 -9.83 23.19
N ILE F 57 -12.22 -9.50 24.14
CA ILE F 57 -13.65 -9.48 23.88
C ILE F 57 -14.20 -8.07 23.89
N ASN F 58 -15.14 -7.81 22.99
CA ASN F 58 -15.79 -6.50 22.89
C ASN F 58 -17.21 -6.69 23.42
N GLU F 59 -17.80 -5.61 23.94
CA GLU F 59 -19.15 -5.63 24.49
C GLU F 59 -20.17 -6.14 23.46
N THR F 60 -19.92 -5.80 22.19
CA THR F 60 -20.75 -6.18 21.05
C THR F 60 -20.65 -7.65 20.65
N ASP F 61 -19.47 -8.25 20.88
CA ASP F 61 -19.26 -9.66 20.55
C ASP F 61 -20.32 -10.50 21.25
N THR F 62 -20.93 -11.42 20.51
CA THR F 62 -21.91 -12.28 21.09
C THR F 62 -21.30 -13.67 21.13
N PRO F 63 -21.77 -14.54 22.04
CA PRO F 63 -21.25 -15.90 22.15
C PRO F 63 -21.30 -16.63 20.81
N ALA F 64 -22.31 -16.33 20.00
CA ALA F 64 -22.48 -16.97 18.70
C ALA F 64 -21.40 -16.49 17.74
N GLN F 65 -21.15 -15.18 17.72
CA GLN F 65 -20.12 -14.65 16.84
C GLN F 65 -18.78 -15.24 17.24
N LEU F 66 -18.59 -15.47 18.54
CA LEU F 66 -17.33 -16.04 19.04
C LEU F 66 -17.30 -17.55 18.99
N GLU F 67 -18.41 -18.15 18.59
CA GLU F 67 -18.54 -19.60 18.49
C GLU F 67 -18.34 -20.27 19.85
N MET F 68 -18.88 -19.64 20.88
CA MET F 68 -18.78 -20.18 22.23
C MET F 68 -19.72 -21.35 22.33
N GLU F 69 -19.53 -22.19 23.33
CA GLU F 69 -20.39 -23.34 23.54
C GLU F 69 -20.56 -23.58 25.01
N ASP F 70 -21.54 -24.41 25.34
CA ASP F 70 -21.83 -24.73 26.72
C ASP F 70 -20.60 -25.27 27.45
N GLU F 71 -20.37 -24.74 28.64
CA GLU F 71 -19.25 -25.15 29.48
C GLU F 71 -17.92 -24.53 29.02
N ASP F 72 -18.00 -23.57 28.13
CA ASP F 72 -16.79 -22.89 27.67
C ASP F 72 -16.35 -21.91 28.75
N THR F 73 -15.05 -21.66 28.84
CA THR F 73 -14.51 -20.76 29.84
C THR F 73 -13.98 -19.45 29.28
N ILE F 74 -14.26 -18.35 29.98
CA ILE F 74 -13.76 -17.04 29.60
C ILE F 74 -12.73 -16.72 30.68
N ASP F 75 -11.53 -16.33 30.27
CA ASP F 75 -10.52 -15.98 31.25
C ASP F 75 -10.59 -14.51 31.54
N VAL F 76 -10.05 -14.12 32.68
CA VAL F 76 -10.02 -12.72 33.10
C VAL F 76 -8.67 -12.50 33.73
N PHE F 77 -7.75 -11.90 32.98
CA PHE F 77 -6.40 -11.66 33.49
C PHE F 77 -6.28 -10.28 34.15
N GLN F 78 -5.20 -10.08 34.88
CA GLN F 78 -4.95 -8.82 35.57
C GLN F 78 -3.97 -8.01 34.74
N GLN F 79 -4.14 -6.69 34.75
CA GLN F 79 -3.25 -5.80 34.00
C GLN F 79 -1.82 -6.09 34.42
N GLN F 80 -0.92 -6.10 33.45
CA GLN F 80 0.49 -6.34 33.70
C GLN F 80 1.25 -5.05 33.52
N THR F 81 2.19 -4.76 34.42
CA THR F 81 3.03 -3.56 34.35
C THR F 81 4.46 -3.99 34.66
N GLY F 82 5.44 -3.44 33.94
CA GLY F 82 6.82 -3.84 34.15
C GLY F 82 7.83 -2.77 34.52
N GLY F 83 8.15 -2.69 35.83
CA GLY F 83 9.11 -1.71 36.33
C GLY F 83 9.28 -1.73 37.84
N VAL F 84 10.41 -1.20 38.32
CA VAL F 84 10.70 -1.13 39.77
C VAL F 84 10.55 0.33 40.16
N PRO F 85 10.54 0.64 41.47
CA PRO F 85 10.40 2.06 41.80
C PRO F 85 11.71 2.82 41.64
N GLU F 86 11.58 4.14 41.61
CA GLU F 86 12.71 5.05 41.52
C GLU F 86 12.40 6.01 42.69
#